data_3F02
#
_entry.id   3F02
#
_cell.length_a   72.928
_cell.length_b   100.066
_cell.length_c   115.825
_cell.angle_alpha   90.00
_cell.angle_beta   90.00
_cell.angle_gamma   90.00
#
_symmetry.space_group_name_H-M   'P 21 21 2'
#
loop_
_entity.id
_entity.type
_entity.pdbx_description
1 polymer Neuroserpin
2 polymer Neuroserpin
3 water water
#
loop_
_entity_poly.entity_id
_entity_poly.type
_entity_poly.pdbx_seq_one_letter_code
_entity_poly.pdbx_strand_id
1 'polypeptide(L)'
;MRGSHHHHHHTDPTGATFPEEAIADLSVNMYNRLRATGEDENILFSPLSIALAMGMMELGAQGSTQKEIRHSMGYDSLKN
GEEFSFLKEFSNMVTAKESQYVMKIANSLFVQNGFHVNEEFLQMMKKYFNAAVNHVDFSQNVAVANYINKWVENNTNNLV
KDLVSPRDFDAATYLALINAVYFKGNWKSQFRPENTRTFSFTKDDESEVQIPMMYQQGEFYYGEFSDGSNEAGGIYQVLE
IPYEGDEISMMLVLSRQEVPLATLEPLVKAQLVEEWANSVKKQKVEVYLPRFTVEQEIDLKDVLKALGITEIFIKDANLT
GLSDNKEIFLSKAIHKSFLEVNEEGSEAAAVSGMIAISR
;
A,B
2 'polypeptide(L)' MAVLYPQVIVDHPFFFLIRNRRTGTILFMGRVMHPETMNTSGHDFEEL C,D
#
# COMPACT_ATOMS: atom_id res chain seq x y z
N GLU A 21 -6.62 -18.45 8.30
CA GLU A 21 -6.40 -18.77 9.73
C GLU A 21 -7.05 -17.72 10.60
N ALA A 22 -6.72 -16.51 10.18
CA ALA A 22 -7.49 -15.28 10.49
C ALA A 22 -8.97 -15.51 10.40
N ILE A 23 -9.39 -15.91 9.20
CA ILE A 23 -10.78 -16.26 8.91
CA ILE A 23 -10.82 -16.20 8.98
C ILE A 23 -11.30 -17.26 9.94
N ALA A 24 -10.34 -18.01 10.49
CA ALA A 24 -10.68 -19.10 11.41
C ALA A 24 -11.21 -18.50 12.69
N ASP A 25 -10.38 -17.63 13.23
CA ASP A 25 -10.66 -16.92 14.48
C ASP A 25 -11.88 -16.06 14.26
N LEU A 26 -11.97 -15.53 13.05
CA LEU A 26 -13.03 -14.57 12.68
C LEU A 26 -14.38 -15.28 12.72
N SER A 27 -14.36 -16.42 12.09
CA SER A 27 -15.54 -17.25 11.97
C SER A 27 -16.05 -17.61 13.37
N VAL A 28 -15.11 -17.96 14.25
CA VAL A 28 -15.49 -18.48 15.57
C VAL A 28 -15.98 -17.32 16.42
N ASN A 29 -15.36 -16.17 16.22
CA ASN A 29 -15.72 -14.99 17.02
C ASN A 29 -17.14 -14.56 16.64
N MET A 30 -17.41 -14.61 15.34
CA MET A 30 -18.67 -14.11 14.81
CA MET A 30 -18.66 -14.08 14.83
C MET A 30 -19.76 -15.06 15.21
N TYR A 31 -19.42 -16.34 15.22
CA TYR A 31 -20.34 -17.42 15.60
C TYR A 31 -20.74 -17.32 17.05
N ASN A 32 -19.75 -16.95 17.87
CA ASN A 32 -20.00 -16.81 19.30
C ASN A 32 -20.97 -15.65 19.55
N ARG A 33 -20.83 -14.56 18.82
CA ARG A 33 -21.76 -13.45 18.97
C ARG A 33 -23.19 -13.90 18.64
N LEU A 34 -23.28 -14.71 17.60
CA LEU A 34 -24.59 -15.13 17.07
C LEU A 34 -25.26 -16.12 18.03
N ARG A 35 -24.43 -16.84 18.79
CA ARG A 35 -24.95 -17.78 19.81
C ARG A 35 -25.51 -16.96 20.94
N ALA A 36 -24.85 -15.83 21.17
CA ALA A 36 -25.16 -14.98 22.31
C ALA A 36 -26.52 -14.33 22.07
N THR A 37 -26.77 -13.99 20.81
CA THR A 37 -27.93 -13.17 20.45
C THR A 37 -29.01 -14.02 19.82
N GLY A 38 -28.73 -15.31 19.74
CA GLY A 38 -29.58 -16.24 18.99
C GLY A 38 -30.23 -17.34 19.80
N GLU A 39 -30.57 -17.01 21.04
CA GLU A 39 -31.30 -17.94 21.90
C GLU A 39 -31.92 -19.13 21.16
N ASP A 40 -31.31 -20.30 21.20
CA ASP A 40 -32.01 -21.53 20.76
C ASP A 40 -32.55 -21.56 19.35
N GLU A 41 -32.08 -20.66 18.48
CA GLU A 41 -32.48 -20.66 17.07
C GLU A 41 -31.41 -21.30 16.20
N ASN A 42 -31.80 -21.66 14.98
CA ASN A 42 -30.81 -22.09 13.96
C ASN A 42 -29.86 -20.93 13.73
N ILE A 43 -28.65 -21.25 13.30
CA ILE A 43 -27.68 -20.23 12.85
C ILE A 43 -27.08 -20.68 11.52
N LEU A 44 -26.92 -19.73 10.61
CA LEU A 44 -26.18 -19.94 9.37
C LEU A 44 -25.59 -18.63 8.87
N PHE A 45 -24.30 -18.63 8.59
CA PHE A 45 -23.62 -17.51 7.91
C PHE A 45 -22.37 -17.95 7.19
N SER A 46 -21.83 -17.01 6.44
CA SER A 46 -20.59 -17.22 5.70
C SER A 46 -19.50 -16.27 6.14
N PRO A 47 -18.53 -16.79 6.92
CA PRO A 47 -17.44 -15.91 7.40
C PRO A 47 -16.60 -15.39 6.24
N LEU A 48 -16.52 -16.21 5.19
CA LEU A 48 -15.78 -15.87 3.98
C LEU A 48 -16.35 -14.62 3.31
N SER A 49 -17.65 -14.64 3.11
CA SER A 49 -18.36 -13.53 2.47
C SER A 49 -18.15 -12.26 3.28
N ILE A 50 -18.22 -12.40 4.60
CA ILE A 50 -18.14 -11.25 5.49
C ILE A 50 -16.73 -10.66 5.43
N ALA A 51 -15.74 -11.54 5.35
CA ALA A 51 -14.34 -11.10 5.22
C ALA A 51 -14.05 -10.34 3.90
N LEU A 52 -14.65 -10.83 2.82
CA LEU A 52 -14.46 -10.20 1.49
C LEU A 52 -15.10 -8.83 1.49
N ALA A 53 -16.26 -8.72 2.11
CA ALA A 53 -16.99 -7.45 2.18
C ALA A 53 -16.21 -6.42 2.98
N MET A 54 -15.65 -6.88 4.08
CA MET A 54 -14.93 -6.03 5.04
C MET A 54 -13.58 -5.69 4.45
N GLY A 55 -13.16 -6.55 3.52
CA GLY A 55 -11.91 -6.34 2.80
C GLY A 55 -12.10 -5.12 1.91
N MET A 56 -13.22 -5.12 1.22
CA MET A 56 -13.56 -4.03 0.31
C MET A 56 -13.72 -2.72 1.09
N MET A 57 -14.39 -2.80 2.23
CA MET A 57 -14.57 -1.61 3.07
C MET A 57 -13.22 -1.07 3.51
N GLU A 58 -12.33 -2.00 3.81
CA GLU A 58 -11.04 -1.64 4.43
C GLU A 58 -10.22 -0.81 3.43
N LEU A 59 -10.44 -1.11 2.16
CA LEU A 59 -9.74 -0.41 1.09
C LEU A 59 -10.12 1.05 1.12
N GLY A 60 -11.28 1.34 1.68
CA GLY A 60 -11.82 2.71 1.70
C GLY A 60 -11.39 3.47 2.94
N ALA A 61 -11.08 2.70 3.97
CA ALA A 61 -10.80 3.26 5.29
C ALA A 61 -9.39 3.78 5.38
N GLN A 62 -9.21 4.72 6.30
CA GLN A 62 -7.88 5.20 6.68
C GLN A 62 -7.77 5.55 8.14
N GLY A 63 -6.55 5.94 8.49
CA GLY A 63 -6.22 6.25 9.87
C GLY A 63 -6.83 5.32 10.90
N SER A 64 -7.57 5.93 11.81
CA SER A 64 -8.08 5.27 12.99
C SER A 64 -9.08 4.20 12.63
N THR A 65 -9.76 4.45 11.51
CA THR A 65 -10.92 3.66 11.13
C THR A 65 -10.42 2.37 10.52
N GLN A 66 -9.32 2.50 9.80
CA GLN A 66 -8.66 1.37 9.13
C GLN A 66 -7.94 0.46 10.12
N LYS A 67 -7.38 1.10 11.13
CA LYS A 67 -6.53 0.43 12.11
C LYS A 67 -7.44 -0.47 12.94
N GLU A 68 -8.67 -0.02 13.08
CA GLU A 68 -9.62 -0.67 14.01
C GLU A 68 -10.15 -1.91 13.35
N ILE A 69 -10.37 -1.78 12.05
CA ILE A 69 -10.78 -2.90 11.21
C ILE A 69 -9.70 -3.96 11.18
N ARG A 70 -8.48 -3.50 10.87
CA ARG A 70 -7.35 -4.41 10.73
C ARG A 70 -7.18 -5.24 11.99
N HIS A 71 -7.32 -4.58 13.12
CA HIS A 71 -7.11 -5.25 14.39
C HIS A 71 -8.24 -6.25 14.65
N SER A 72 -9.45 -5.82 14.35
CA SER A 72 -10.64 -6.59 14.70
C SER A 72 -10.69 -7.83 13.83
N MET A 73 -10.06 -7.75 12.68
CA MET A 73 -10.15 -8.84 11.71
C MET A 73 -8.97 -9.78 11.92
N GLY A 74 -8.03 -9.29 12.71
CA GLY A 74 -6.81 -10.02 13.08
C GLY A 74 -5.66 -9.85 12.10
N TYR A 75 -5.59 -8.70 11.45
CA TYR A 75 -4.62 -8.47 10.37
C TYR A 75 -3.38 -7.77 10.83
N ASP A 76 -3.36 -7.40 12.10
CA ASP A 76 -2.20 -6.65 12.66
C ASP A 76 -0.90 -7.33 12.32
N SER A 77 -0.91 -8.63 12.58
CA SER A 77 0.20 -9.51 12.23
C SER A 77 0.29 -9.69 10.71
N GLU A 82 -2.00 -6.88 1.42
CA GLU A 82 -1.54 -7.51 2.66
C GLU A 82 -2.37 -8.75 2.94
N GLU A 83 -3.34 -8.51 3.81
CA GLU A 83 -4.50 -9.38 3.98
C GLU A 83 -5.28 -9.38 2.66
N PHE A 84 -4.96 -8.40 1.84
CA PHE A 84 -5.61 -8.21 0.52
C PHE A 84 -5.12 -9.27 -0.45
N SER A 85 -3.90 -9.71 -0.21
CA SER A 85 -3.29 -10.73 -1.05
C SER A 85 -3.92 -12.09 -0.76
N PHE A 86 -4.21 -12.31 0.51
CA PHE A 86 -4.83 -13.58 0.92
C PHE A 86 -6.27 -13.60 0.43
N LEU A 87 -6.87 -12.42 0.41
CA LEU A 87 -8.31 -12.30 0.11
C LEU A 87 -8.50 -12.50 -1.37
N LYS A 88 -7.47 -12.11 -2.10
CA LYS A 88 -7.50 -12.20 -3.56
C LYS A 88 -7.43 -13.68 -3.94
N GLU A 89 -6.74 -14.43 -3.11
CA GLU A 89 -6.42 -15.84 -3.41
C GLU A 89 -7.68 -16.66 -3.52
N PHE A 90 -8.68 -16.05 -4.16
CA PHE A 90 -10.02 -16.64 -4.32
C PHE A 90 -10.65 -16.35 -5.68
N TYR A 101 -18.47 -29.85 -9.07
CA TYR A 101 -19.09 -28.85 -8.22
C TYR A 101 -18.99 -27.42 -8.77
N VAL A 102 -19.80 -26.57 -8.21
CA VAL A 102 -19.79 -25.14 -8.52
C VAL A 102 -19.41 -24.35 -7.30
N MET A 103 -18.48 -23.43 -7.52
CA MET A 103 -18.07 -22.52 -6.48
CA MET A 103 -18.06 -22.50 -6.47
C MET A 103 -17.80 -21.15 -7.10
N LYS A 104 -18.65 -20.19 -6.73
CA LYS A 104 -18.56 -18.83 -7.30
C LYS A 104 -18.53 -17.72 -6.26
N ILE A 105 -17.62 -16.78 -6.49
CA ILE A 105 -17.49 -15.61 -5.62
C ILE A 105 -17.50 -14.36 -6.46
N ALA A 106 -18.45 -13.48 -6.18
CA ALA A 106 -18.58 -12.25 -6.96
C ALA A 106 -18.77 -11.02 -6.07
N ASN A 107 -18.13 -9.93 -6.50
CA ASN A 107 -18.23 -8.61 -5.88
C ASN A 107 -18.71 -7.52 -6.86
N SER A 108 -19.49 -6.59 -6.33
CA SER A 108 -19.97 -5.48 -7.14
C SER A 108 -20.08 -4.21 -6.33
N LEU A 109 -19.91 -3.11 -7.03
CA LEU A 109 -19.94 -1.79 -6.48
C LEU A 109 -20.98 -1.00 -7.22
N PHE A 110 -21.88 -0.38 -6.46
CA PHE A 110 -22.89 0.54 -7.03
C PHE A 110 -22.64 1.93 -6.50
N VAL A 111 -22.34 2.83 -7.40
CA VAL A 111 -21.83 4.15 -7.10
C VAL A 111 -22.79 5.21 -7.64
N GLN A 112 -23.12 6.19 -6.81
CA GLN A 112 -24.02 7.28 -7.22
C GLN A 112 -23.46 8.02 -8.42
N ASN A 113 -24.32 8.29 -9.39
CA ASN A 113 -23.93 9.03 -10.59
C ASN A 113 -23.26 10.33 -10.19
N GLY A 114 -22.11 10.58 -10.78
CA GLY A 114 -21.39 11.83 -10.59
C GLY A 114 -20.64 11.90 -9.28
N PHE A 115 -20.67 10.78 -8.54
CA PHE A 115 -19.84 10.65 -7.32
C PHE A 115 -18.45 10.18 -7.69
N HIS A 116 -17.49 11.02 -7.31
CA HIS A 116 -16.10 10.83 -7.71
C HIS A 116 -15.32 9.99 -6.70
N VAL A 117 -15.15 8.74 -7.09
CA VAL A 117 -14.43 7.76 -6.28
C VAL A 117 -12.95 7.71 -6.64
N ASN A 118 -12.13 7.80 -5.60
CA ASN A 118 -10.68 7.68 -5.72
C ASN A 118 -10.24 6.61 -6.71
N GLU A 119 -9.44 7.05 -7.67
CA GLU A 119 -8.92 6.16 -8.75
C GLU A 119 -8.19 4.95 -8.15
N GLU A 120 -7.56 5.21 -7.01
CA GLU A 120 -6.73 4.22 -6.34
C GLU A 120 -7.62 3.12 -5.75
N PHE A 121 -8.73 3.58 -5.22
CA PHE A 121 -9.70 2.69 -4.58
C PHE A 121 -10.19 1.76 -5.66
N LEU A 122 -10.46 2.37 -6.82
CA LEU A 122 -11.09 1.65 -7.91
C LEU A 122 -10.12 0.59 -8.41
N GLN A 123 -8.85 0.96 -8.45
CA GLN A 123 -7.81 0.09 -8.99
C GLN A 123 -7.62 -1.15 -8.13
N MET A 124 -7.47 -0.90 -6.84
CA MET A 124 -7.32 -1.96 -5.83
C MET A 124 -8.57 -2.87 -5.81
N MET A 125 -9.71 -2.23 -5.97
CA MET A 125 -10.99 -2.92 -5.89
C MET A 125 -11.03 -3.92 -7.04
N LYS A 126 -10.43 -3.56 -8.17
CA LYS A 126 -10.43 -4.46 -9.34
C LYS A 126 -9.37 -5.54 -9.14
N LYS A 127 -8.24 -5.12 -8.60
CA LYS A 127 -7.08 -5.99 -8.46
C LYS A 127 -7.39 -7.13 -7.51
N TYR A 128 -7.96 -6.76 -6.38
CA TYR A 128 -8.08 -7.69 -5.27
C TYR A 128 -9.44 -8.37 -5.20
N PHE A 129 -10.45 -7.73 -5.77
CA PHE A 129 -11.84 -8.20 -5.62
C PHE A 129 -12.57 -8.34 -6.94
N ASN A 130 -11.89 -7.93 -8.01
CA ASN A 130 -12.46 -7.98 -9.34
C ASN A 130 -13.92 -7.53 -9.29
N ALA A 131 -14.12 -6.43 -8.59
CA ALA A 131 -15.48 -5.90 -8.39
C ALA A 131 -16.04 -5.34 -9.69
N ALA A 132 -17.26 -5.74 -10.00
CA ALA A 132 -18.04 -5.06 -11.04
C ALA A 132 -18.38 -3.66 -10.54
N VAL A 133 -18.28 -2.67 -11.42
CA VAL A 133 -18.61 -1.30 -11.04
C VAL A 133 -19.76 -0.77 -11.86
N ASN A 134 -20.78 -0.33 -11.14
CA ASN A 134 -21.99 0.16 -11.77
C ASN A 134 -22.38 1.52 -11.24
N HIS A 135 -22.83 2.39 -12.14
CA HIS A 135 -23.32 3.72 -11.73
C HIS A 135 -24.82 3.76 -11.71
N VAL A 136 -25.35 4.26 -10.60
CA VAL A 136 -26.78 4.27 -10.32
C VAL A 136 -27.23 5.62 -9.75
N ASP A 137 -28.55 5.85 -9.82
CA ASP A 137 -29.20 6.95 -9.12
C ASP A 137 -29.96 6.42 -7.92
N PHE A 138 -29.37 6.57 -6.74
CA PHE A 138 -29.93 5.98 -5.52
C PHE A 138 -31.28 6.64 -5.15
N SER A 139 -31.54 7.80 -5.73
CA SER A 139 -32.79 8.54 -5.42
C SER A 139 -33.95 7.80 -6.07
N GLN A 140 -33.63 7.08 -7.15
CA GLN A 140 -34.62 6.24 -7.82
C GLN A 140 -34.66 4.94 -7.08
N ASN A 141 -35.20 5.02 -5.88
CA ASN A 141 -34.98 3.97 -4.89
C ASN A 141 -35.58 2.58 -5.19
N VAL A 142 -36.69 2.56 -5.91
CA VAL A 142 -37.34 1.29 -6.30
C VAL A 142 -36.47 0.61 -7.36
N ALA A 143 -36.09 1.42 -8.34
CA ALA A 143 -35.27 0.99 -9.48
C ALA A 143 -33.96 0.41 -9.00
N VAL A 144 -33.35 1.11 -8.06
CA VAL A 144 -31.98 0.71 -7.63
C VAL A 144 -32.07 -0.56 -6.79
N ALA A 145 -33.08 -0.64 -5.94
CA ALA A 145 -33.29 -1.86 -5.15
C ALA A 145 -33.48 -3.08 -6.08
N ASN A 146 -34.28 -2.89 -7.12
CA ASN A 146 -34.57 -3.96 -8.07
C ASN A 146 -33.30 -4.41 -8.79
N TYR A 147 -32.47 -3.43 -9.09
CA TYR A 147 -31.24 -3.63 -9.89
C TYR A 147 -30.23 -4.40 -9.05
N ILE A 148 -30.07 -3.96 -7.81
CA ILE A 148 -29.11 -4.60 -6.90
C ILE A 148 -29.60 -6.00 -6.56
N ASN A 149 -30.90 -6.15 -6.28
CA ASN A 149 -31.49 -7.47 -6.00
C ASN A 149 -31.35 -8.44 -7.18
N LYS A 150 -31.46 -7.92 -8.40
CA LYS A 150 -31.31 -8.78 -9.59
C LYS A 150 -29.88 -9.32 -9.63
N TRP A 151 -28.93 -8.43 -9.34
CA TRP A 151 -27.51 -8.83 -9.34
C TRP A 151 -27.33 -9.94 -8.30
N VAL A 152 -27.98 -9.78 -7.16
CA VAL A 152 -27.81 -10.77 -6.07
C VAL A 152 -28.35 -12.14 -6.55
N GLU A 153 -29.51 -12.08 -7.17
CA GLU A 153 -30.19 -13.26 -7.64
C GLU A 153 -29.31 -13.97 -8.67
N ASN A 154 -28.72 -13.15 -9.52
CA ASN A 154 -27.90 -13.62 -10.67
C ASN A 154 -26.62 -14.32 -10.22
N ASN A 155 -26.29 -14.15 -8.95
CA ASN A 155 -25.01 -14.62 -8.36
C ASN A 155 -25.21 -15.54 -7.14
N THR A 156 -26.47 -15.93 -6.96
CA THR A 156 -26.85 -16.89 -5.89
C THR A 156 -27.87 -17.93 -6.38
N ASN A 157 -27.99 -18.07 -7.69
CA ASN A 157 -28.99 -19.00 -8.28
C ASN A 157 -30.35 -18.74 -7.69
N ASN A 158 -30.59 -17.47 -7.40
N ASN A 158 -30.61 -17.46 -7.44
CA ASN A 158 -31.88 -16.97 -6.90
CA ASN A 158 -31.87 -16.94 -6.86
C ASN A 158 -32.21 -17.40 -5.47
C ASN A 158 -32.21 -17.51 -5.50
N LEU A 159 -31.19 -17.80 -4.72
CA LEU A 159 -31.41 -18.41 -3.42
C LEU A 159 -31.54 -17.38 -2.32
N VAL A 160 -31.01 -16.20 -2.62
CA VAL A 160 -31.10 -15.09 -1.67
C VAL A 160 -31.85 -13.98 -2.35
N LYS A 161 -32.99 -13.68 -1.75
CA LYS A 161 -33.88 -12.65 -2.21
C LYS A 161 -34.02 -11.51 -1.20
N ASP A 162 -34.34 -10.36 -1.76
CA ASP A 162 -34.64 -9.18 -0.95
C ASP A 162 -33.52 -8.83 0.04
N LEU A 163 -32.28 -8.93 -0.41
CA LEU A 163 -31.14 -8.43 0.39
C LEU A 163 -31.36 -6.98 0.76
N VAL A 164 -31.82 -6.23 -0.23
CA VAL A 164 -32.15 -4.80 -0.06
C VAL A 164 -33.59 -4.54 -0.45
N SER A 165 -34.02 -3.35 -0.13
CA SER A 165 -35.37 -2.89 -0.45
C SER A 165 -35.31 -1.40 -0.82
N PRO A 166 -36.40 -0.86 -1.43
CA PRO A 166 -36.34 0.57 -1.74
C PRO A 166 -36.24 1.41 -0.46
N ARG A 167 -36.58 0.80 0.67
CA ARG A 167 -36.54 1.51 1.96
C ARG A 167 -35.10 1.76 2.39
N ASP A 168 -34.14 1.21 1.64
CA ASP A 168 -32.73 1.31 2.01
C ASP A 168 -32.02 2.52 1.40
N PHE A 169 -32.67 3.12 0.40
CA PHE A 169 -32.03 4.07 -0.51
C PHE A 169 -32.73 5.40 -0.67
N ASP A 170 -31.91 6.44 -0.67
CA ASP A 170 -32.35 7.80 -0.98
C ASP A 170 -31.21 8.73 -1.46
N ALA A 171 -31.50 10.02 -1.43
CA ALA A 171 -30.53 11.06 -1.86
C ALA A 171 -29.21 11.05 -1.08
N ALA A 172 -29.21 10.47 0.11
CA ALA A 172 -28.04 10.48 0.99
C ALA A 172 -27.12 9.30 0.69
N THR A 173 -27.63 8.34 -0.08
CA THR A 173 -26.85 7.13 -0.44
C THR A 173 -25.83 7.45 -1.54
N TYR A 174 -24.60 7.03 -1.28
CA TYR A 174 -23.48 7.26 -2.18
C TYR A 174 -22.92 6.00 -2.80
N LEU A 175 -22.91 4.93 -2.02
CA LEU A 175 -22.25 3.71 -2.42
C LEU A 175 -22.89 2.49 -1.79
N ALA A 176 -22.99 1.42 -2.58
CA ALA A 176 -23.28 0.07 -2.02
C ALA A 176 -22.26 -0.93 -2.58
N LEU A 177 -21.73 -1.77 -1.70
CA LEU A 177 -20.76 -2.81 -2.07
C LEU A 177 -21.36 -4.14 -1.64
N ILE A 178 -21.33 -5.10 -2.54
CA ILE A 178 -21.92 -6.40 -2.28
C ILE A 178 -20.93 -7.52 -2.64
N ASN A 179 -20.92 -8.54 -1.80
CA ASN A 179 -20.26 -9.82 -2.05
C ASN A 179 -21.29 -10.95 -2.03
N ALA A 180 -21.12 -11.88 -2.93
CA ALA A 180 -21.88 -13.11 -2.92
C ALA A 180 -20.96 -14.32 -3.04
N VAL A 181 -21.30 -15.31 -2.24
CA VAL A 181 -20.65 -16.63 -2.23
C VAL A 181 -21.74 -17.66 -2.54
N TYR A 182 -21.43 -18.53 -3.47
CA TYR A 182 -22.35 -19.54 -3.93
C TYR A 182 -21.64 -20.87 -4.16
N PHE A 183 -22.29 -21.91 -3.64
CA PHE A 183 -21.76 -23.23 -3.73
C PHE A 183 -22.83 -24.25 -4.02
N LYS A 184 -22.51 -25.13 -4.94
CA LYS A 184 -23.33 -26.31 -5.21
C LYS A 184 -22.45 -27.51 -5.52
N GLY A 185 -22.70 -28.58 -4.79
CA GLY A 185 -21.94 -29.82 -4.96
C GLY A 185 -22.75 -31.06 -4.65
N ASN A 186 -22.42 -32.12 -5.35
CA ASN A 186 -22.97 -33.44 -5.06
C ASN A 186 -22.09 -34.07 -4.01
N TRP A 187 -22.70 -34.79 -3.09
CA TRP A 187 -21.91 -35.67 -2.24
C TRP A 187 -21.08 -36.60 -3.14
N LYS A 188 -19.85 -36.85 -2.73
CA LYS A 188 -19.05 -37.86 -3.42
CA LYS A 188 -19.05 -37.84 -3.41
C LYS A 188 -19.78 -39.20 -3.39
N SER A 189 -20.40 -39.47 -2.26
CA SER A 189 -21.27 -40.64 -2.06
C SER A 189 -22.67 -40.17 -1.65
N GLN A 190 -23.57 -40.20 -2.62
CA GLN A 190 -24.93 -39.69 -2.47
C GLN A 190 -25.79 -40.64 -1.65
N PHE A 191 -26.77 -40.05 -1.01
CA PHE A 191 -27.84 -40.82 -0.40
C PHE A 191 -28.89 -41.19 -1.44
N ARG A 192 -29.36 -42.42 -1.38
CA ARG A 192 -30.47 -42.87 -2.21
C ARG A 192 -31.79 -42.42 -1.57
N PRO A 193 -32.64 -41.72 -2.34
CA PRO A 193 -33.94 -41.27 -1.83
C PRO A 193 -34.80 -42.39 -1.25
N GLU A 194 -34.64 -43.59 -1.79
CA GLU A 194 -35.36 -44.78 -1.33
CA GLU A 194 -35.41 -44.73 -1.32
C GLU A 194 -35.03 -45.14 0.12
N ASN A 195 -33.89 -44.66 0.59
CA ASN A 195 -33.41 -44.97 1.93
C ASN A 195 -33.89 -43.95 2.96
N THR A 196 -34.52 -42.90 2.48
CA THR A 196 -34.98 -41.83 3.36
C THR A 196 -36.31 -42.28 3.99
N ARG A 197 -36.36 -42.13 5.31
CA ARG A 197 -37.51 -42.50 6.16
C ARG A 197 -37.78 -41.45 7.20
N THR A 198 -39.03 -41.38 7.62
CA THR A 198 -39.45 -40.51 8.74
C THR A 198 -38.89 -41.00 10.08
N PHE A 199 -38.21 -40.09 10.75
CA PHE A 199 -37.64 -40.28 12.10
C PHE A 199 -38.07 -39.15 13.02
N SER A 200 -38.10 -39.45 14.31
CA SER A 200 -38.26 -38.45 15.37
C SER A 200 -36.93 -37.77 15.64
N PHE A 201 -37.00 -36.46 15.67
CA PHE A 201 -35.83 -35.60 15.97
C PHE A 201 -36.16 -34.94 17.30
N THR A 202 -35.29 -35.11 18.27
CA THR A 202 -35.53 -34.57 19.61
C THR A 202 -34.77 -33.25 19.77
N LYS A 203 -35.53 -32.17 19.84
CA LYS A 203 -34.96 -30.83 20.08
C LYS A 203 -34.39 -30.74 21.48
N ASP A 204 -33.49 -29.78 21.67
CA ASP A 204 -32.81 -29.61 22.96
C ASP A 204 -33.74 -29.06 24.08
N ASP A 205 -34.96 -28.70 23.70
CA ASP A 205 -35.98 -28.32 24.68
C ASP A 205 -36.88 -29.53 24.95
N GLU A 206 -36.43 -30.65 24.42
CA GLU A 206 -37.03 -31.97 24.62
C GLU A 206 -38.28 -32.24 23.81
N SER A 207 -38.77 -31.22 23.14
CA SER A 207 -39.88 -31.40 22.18
C SER A 207 -39.40 -32.24 20.99
N GLU A 208 -40.35 -32.86 20.29
CA GLU A 208 -40.02 -33.73 19.13
C GLU A 208 -40.75 -33.37 17.85
N VAL A 209 -40.04 -33.55 16.75
CA VAL A 209 -40.61 -33.38 15.42
C VAL A 209 -40.25 -34.57 14.52
N GLN A 210 -41.12 -34.88 13.58
CA GLN A 210 -40.87 -35.98 12.64
CA GLN A 210 -40.85 -35.97 12.66
C GLN A 210 -40.41 -35.36 11.36
N ILE A 211 -39.28 -35.86 10.87
CA ILE A 211 -38.58 -35.31 9.73
C ILE A 211 -38.08 -36.42 8.79
N PRO A 212 -37.81 -36.08 7.51
CA PRO A 212 -37.19 -37.05 6.62
C PRO A 212 -35.70 -37.21 6.92
N MET A 213 -35.34 -38.46 7.19
CA MET A 213 -34.02 -38.85 7.63
C MET A 213 -33.35 -39.72 6.56
N MET A 214 -32.40 -39.10 5.89
CA MET A 214 -31.60 -39.78 4.88
C MET A 214 -30.69 -40.79 5.56
N TYR A 215 -30.36 -41.83 4.80
CA TYR A 215 -29.46 -42.86 5.29
C TYR A 215 -28.53 -43.40 4.22
N GLN A 216 -27.29 -43.62 4.64
CA GLN A 216 -26.38 -44.48 3.91
C GLN A 216 -25.27 -45.02 4.81
N GLN A 217 -24.73 -46.13 4.38
CA GLN A 217 -23.50 -46.65 4.94
C GLN A 217 -22.45 -46.28 3.92
N GLY A 218 -21.60 -45.33 4.30
CA GLY A 218 -20.60 -44.81 3.38
C GLY A 218 -19.25 -44.62 4.01
N GLU A 219 -18.29 -44.35 3.15
CA GLU A 219 -16.91 -44.14 3.60
C GLU A 219 -16.68 -42.65 3.81
N PHE A 220 -16.68 -42.29 5.07
CA PHE A 220 -16.53 -40.90 5.44
C PHE A 220 -15.47 -40.80 6.49
N TYR A 221 -15.06 -39.57 6.72
CA TYR A 221 -14.07 -39.26 7.77
C TYR A 221 -14.73 -39.05 9.12
N TYR A 222 -14.27 -39.82 10.09
CA TYR A 222 -14.88 -39.89 11.41
C TYR A 222 -13.88 -39.91 12.52
N GLY A 223 -14.24 -39.21 13.58
CA GLY A 223 -13.51 -39.23 14.83
C GLY A 223 -14.38 -39.03 16.06
N GLU A 224 -13.83 -39.45 17.20
CA GLU A 224 -14.41 -39.23 18.53
C GLU A 224 -13.46 -38.45 19.42
N PHE A 225 -14.05 -37.42 20.05
CA PHE A 225 -13.37 -36.43 20.90
C PHE A 225 -14.06 -36.39 22.25
N SER A 226 -13.28 -36.14 23.30
CA SER A 226 -13.85 -36.02 24.66
C SER A 226 -14.65 -34.73 24.79
N ASP A 227 -15.81 -34.86 25.43
CA ASP A 227 -16.78 -33.75 25.53
C ASP A 227 -16.52 -32.98 26.79
N GLY A 228 -15.49 -33.44 27.49
CA GLY A 228 -14.94 -32.69 28.62
C GLY A 228 -15.60 -33.14 29.91
N SER A 229 -16.57 -34.03 29.74
CA SER A 229 -17.31 -34.57 30.88
C SER A 229 -16.42 -35.58 31.58
N GLY A 233 -19.14 -42.52 28.50
CA GLY A 233 -19.59 -42.25 27.14
C GLY A 233 -19.40 -40.80 26.77
N GLY A 234 -18.51 -40.17 27.54
CA GLY A 234 -18.22 -38.74 27.45
C GLY A 234 -17.48 -38.29 26.20
N ILE A 235 -18.10 -38.56 25.06
CA ILE A 235 -17.52 -38.18 23.77
C ILE A 235 -18.55 -37.56 22.84
N TYR A 236 -18.04 -36.78 21.90
CA TYR A 236 -18.84 -36.32 20.77
C TYR A 236 -18.19 -36.80 19.50
N GLN A 237 -19.03 -36.87 18.48
CA GLN A 237 -18.66 -37.34 17.15
C GLN A 237 -18.43 -36.20 16.20
N VAL A 238 -17.42 -36.35 15.37
CA VAL A 238 -17.18 -35.48 14.23
C VAL A 238 -17.19 -36.32 12.94
N LEU A 239 -18.02 -35.91 12.00
CA LEU A 239 -18.17 -36.61 10.73
C LEU A 239 -17.92 -35.61 9.59
N GLU A 240 -16.99 -35.95 8.70
CA GLU A 240 -16.72 -35.09 7.55
C GLU A 240 -17.10 -35.83 6.26
N ILE A 241 -17.97 -35.19 5.50
CA ILE A 241 -18.57 -35.76 4.28
C ILE A 241 -18.09 -34.99 3.02
N PRO A 242 -17.27 -35.63 2.17
CA PRO A 242 -16.76 -34.87 1.04
C PRO A 242 -17.76 -34.69 -0.06
N TYR A 243 -17.62 -33.57 -0.74
CA TYR A 243 -18.32 -33.36 -2.01
C TYR A 243 -17.47 -33.82 -3.20
N GLU A 244 -18.17 -34.15 -4.28
CA GLU A 244 -17.53 -34.33 -5.59
C GLU A 244 -16.58 -33.17 -5.82
N GLY A 245 -15.41 -33.49 -6.39
CA GLY A 245 -14.42 -32.47 -6.75
C GLY A 245 -13.26 -32.41 -5.78
N ASP A 246 -13.45 -33.08 -4.66
CA ASP A 246 -12.41 -33.29 -3.63
C ASP A 246 -11.81 -32.01 -3.04
N GLU A 247 -12.52 -30.89 -3.20
CA GLU A 247 -12.10 -29.59 -2.66
C GLU A 247 -12.83 -29.18 -1.37
N ILE A 248 -14.11 -29.48 -1.36
CA ILE A 248 -15.04 -29.02 -0.33
C ILE A 248 -15.64 -30.19 0.43
N SER A 249 -15.93 -29.95 1.70
CA SER A 249 -16.61 -30.95 2.54
C SER A 249 -17.56 -30.30 3.52
N MET A 250 -18.47 -31.09 4.04
CA MET A 250 -19.29 -30.66 5.19
C MET A 250 -18.85 -31.41 6.43
N MET A 251 -18.54 -30.68 7.48
CA MET A 251 -18.23 -31.23 8.80
C MET A 251 -19.39 -31.08 9.76
N LEU A 252 -19.78 -32.20 10.34
CA LEU A 252 -20.85 -32.30 11.30
C LEU A 252 -20.30 -32.68 12.67
N VAL A 253 -20.77 -31.96 13.67
CA VAL A 253 -20.39 -32.18 15.06
C VAL A 253 -21.63 -32.42 15.93
N LEU A 254 -21.60 -33.57 16.58
CA LEU A 254 -22.76 -34.09 17.32
C LEU A 254 -22.46 -34.66 18.70
N SER A 255 -23.09 -34.05 19.69
CA SER A 255 -23.00 -34.49 21.09
C SER A 255 -23.67 -35.82 21.27
N ARG A 256 -23.39 -36.47 22.40
CA ARG A 256 -24.13 -37.67 22.72
CA ARG A 256 -24.13 -37.64 22.78
C ARG A 256 -25.58 -37.22 22.90
N GLN A 257 -26.45 -38.16 22.63
CA GLN A 257 -27.89 -37.95 22.66
C GLN A 257 -28.40 -37.28 23.95
N GLU A 258 -27.74 -37.57 25.05
CA GLU A 258 -28.27 -37.21 26.37
C GLU A 258 -27.85 -35.79 26.72
N VAL A 259 -27.12 -35.20 25.81
CA VAL A 259 -26.40 -33.93 26.04
C VAL A 259 -26.78 -32.81 25.04
N PRO A 260 -27.10 -31.61 25.54
CA PRO A 260 -27.40 -30.54 24.56
C PRO A 260 -26.18 -29.99 23.84
N LEU A 261 -26.45 -29.57 22.62
CA LEU A 261 -25.42 -28.98 21.74
C LEU A 261 -24.70 -27.88 22.48
N ALA A 262 -25.46 -27.13 23.28
CA ALA A 262 -24.91 -25.99 24.04
C ALA A 262 -23.72 -26.39 24.93
N THR A 263 -23.65 -27.67 25.27
CA THR A 263 -22.56 -28.19 26.13
C THR A 263 -21.25 -28.20 25.36
N LEU A 264 -21.37 -28.41 24.06
CA LEU A 264 -20.20 -28.50 23.17
C LEU A 264 -19.78 -27.14 22.64
N GLU A 265 -20.76 -26.25 22.52
CA GLU A 265 -20.52 -24.94 21.88
C GLU A 265 -19.36 -24.14 22.49
N PRO A 266 -19.24 -24.11 23.82
CA PRO A 266 -18.13 -23.28 24.35
C PRO A 266 -16.74 -23.79 23.96
N LEU A 267 -16.70 -25.04 23.52
CA LEU A 267 -15.45 -25.72 23.25
C LEU A 267 -14.93 -25.24 21.92
N VAL A 268 -15.83 -24.70 21.10
CA VAL A 268 -15.52 -24.43 19.69
C VAL A 268 -14.64 -23.19 19.50
N LYS A 269 -13.38 -23.52 19.19
CA LYS A 269 -12.30 -22.55 19.00
C LYS A 269 -11.53 -22.92 17.75
N ALA A 270 -10.79 -21.95 17.22
CA ALA A 270 -10.08 -22.15 15.96
C ALA A 270 -9.15 -23.36 16.05
N GLN A 271 -8.50 -23.52 17.19
CA GLN A 271 -7.48 -24.59 17.35
C GLN A 271 -8.18 -25.93 17.28
N LEU A 272 -9.38 -25.98 17.85
CA LEU A 272 -10.17 -27.25 17.86
C LEU A 272 -10.65 -27.60 16.45
N VAL A 273 -11.09 -26.58 15.74
CA VAL A 273 -11.54 -26.79 14.36
C VAL A 273 -10.42 -27.47 13.56
N GLU A 274 -9.20 -27.00 13.75
CA GLU A 274 -8.02 -27.55 13.06
C GLU A 274 -7.82 -29.01 13.46
N GLU A 275 -7.92 -29.25 14.77
CA GLU A 275 -7.75 -30.61 15.34
C GLU A 275 -8.76 -31.61 14.76
N TRP A 276 -10.01 -31.16 14.69
CA TRP A 276 -11.07 -31.97 14.09
C TRP A 276 -10.60 -32.40 12.68
N ALA A 277 -10.19 -31.43 11.88
CA ALA A 277 -9.83 -31.68 10.49
C ALA A 277 -8.67 -32.68 10.38
N ASN A 278 -7.78 -32.63 11.36
CA ASN A 278 -6.54 -33.40 11.37
C ASN A 278 -6.66 -34.73 12.09
N SER A 279 -7.82 -34.98 12.66
CA SER A 279 -8.04 -36.16 13.54
C SER A 279 -9.05 -37.17 13.01
N VAL A 280 -9.79 -36.80 11.98
CA VAL A 280 -10.81 -37.70 11.42
C VAL A 280 -10.15 -38.71 10.45
N LYS A 281 -10.68 -39.94 10.49
CA LYS A 281 -10.18 -41.08 9.71
C LYS A 281 -11.24 -41.65 8.79
N LYS A 282 -10.86 -41.82 7.52
CA LYS A 282 -11.79 -42.37 6.53
C LYS A 282 -12.08 -43.82 6.84
N GLN A 283 -13.36 -44.14 6.84
CA GLN A 283 -13.84 -45.46 7.21
C GLN A 283 -15.33 -45.60 6.90
N LYS A 284 -15.83 -46.83 6.86
CA LYS A 284 -17.30 -47.04 6.80
C LYS A 284 -18.03 -46.51 8.04
N VAL A 285 -19.05 -45.71 7.78
CA VAL A 285 -19.91 -45.16 8.80
C VAL A 285 -21.38 -45.31 8.39
N GLU A 286 -22.20 -45.71 9.36
CA GLU A 286 -23.67 -45.66 9.26
C GLU A 286 -24.14 -44.24 9.55
N VAL A 287 -24.65 -43.57 8.52
CA VAL A 287 -25.04 -42.17 8.62
C VAL A 287 -26.53 -41.97 8.43
N TYR A 288 -27.14 -41.38 9.45
CA TYR A 288 -28.52 -40.87 9.42
C TYR A 288 -28.46 -39.36 9.54
N LEU A 289 -28.91 -38.71 8.48
CA LEU A 289 -28.81 -37.26 8.32
C LEU A 289 -30.13 -36.66 7.77
N PRO A 290 -30.71 -35.68 8.48
CA PRO A 290 -31.92 -35.11 7.90
C PRO A 290 -31.69 -34.38 6.60
N ARG A 291 -32.71 -34.49 5.76
CA ARG A 291 -32.91 -33.60 4.61
C ARG A 291 -33.40 -32.28 5.23
N PHE A 292 -32.66 -31.18 5.06
CA PHE A 292 -33.05 -29.91 5.70
C PHE A 292 -32.61 -28.68 4.94
N THR A 293 -33.31 -27.59 5.21
CA THR A 293 -32.94 -26.26 4.73
C THR A 293 -32.78 -25.32 5.93
N VAL A 294 -31.80 -24.45 5.85
CA VAL A 294 -31.65 -23.40 6.85
C VAL A 294 -31.40 -22.08 6.16
N GLU A 295 -32.00 -21.07 6.76
CA GLU A 295 -31.90 -19.69 6.29
C GLU A 295 -31.67 -18.76 7.48
N GLN A 296 -30.92 -17.69 7.26
CA GLN A 296 -30.78 -16.69 8.29
C GLN A 296 -30.41 -15.34 7.71
N GLU A 297 -31.08 -14.29 8.18
CA GLU A 297 -30.60 -12.91 8.00
C GLU A 297 -30.02 -12.45 9.35
N ILE A 298 -28.81 -11.96 9.34
CA ILE A 298 -28.20 -11.53 10.59
C ILE A 298 -28.03 -10.03 10.64
N ASP A 299 -27.84 -9.56 11.87
CA ASP A 299 -27.66 -8.13 12.12
C ASP A 299 -26.18 -7.93 12.02
N LEU A 300 -25.71 -7.64 10.82
CA LEU A 300 -24.26 -7.67 10.58
C LEU A 300 -23.55 -6.53 11.29
N LYS A 301 -24.25 -5.43 11.47
CA LYS A 301 -23.67 -4.30 12.20
C LYS A 301 -23.38 -4.69 13.66
N ASP A 302 -24.28 -5.44 14.26
CA ASP A 302 -24.13 -5.84 15.65
C ASP A 302 -22.94 -6.77 15.75
N VAL A 303 -22.80 -7.59 14.72
CA VAL A 303 -21.78 -8.65 14.78
C VAL A 303 -20.40 -7.99 14.65
N LEU A 304 -20.31 -7.06 13.72
CA LEU A 304 -19.04 -6.38 13.44
C LEU A 304 -18.66 -5.54 14.66
N LYS A 305 -19.67 -4.95 15.27
CA LYS A 305 -19.42 -4.12 16.45
C LYS A 305 -18.88 -4.97 17.57
N ALA A 306 -19.38 -6.19 17.65
CA ALA A 306 -18.95 -7.14 18.68
C ALA A 306 -17.48 -7.53 18.49
N LEU A 307 -17.02 -7.43 17.24
CA LEU A 307 -15.60 -7.69 16.91
C LEU A 307 -14.75 -6.51 17.33
N GLY A 308 -15.41 -5.37 17.52
CA GLY A 308 -14.74 -4.14 17.90
C GLY A 308 -14.70 -3.11 16.79
N ILE A 309 -15.49 -3.35 15.75
CA ILE A 309 -15.58 -2.42 14.60
C ILE A 309 -16.74 -1.47 14.76
N THR A 310 -16.40 -0.24 15.12
CA THR A 310 -17.40 0.76 15.51
C THR A 310 -17.32 2.09 14.75
N GLU A 311 -16.09 2.47 14.40
CA GLU A 311 -15.80 3.79 13.82
C GLU A 311 -16.42 4.01 12.43
N ILE A 312 -16.44 2.95 11.64
CA ILE A 312 -16.98 3.03 10.26
C ILE A 312 -18.47 3.37 10.23
N PHE A 313 -19.10 3.18 11.38
CA PHE A 313 -20.57 3.24 11.50
C PHE A 313 -20.99 4.62 11.98
N ILE A 314 -20.00 5.43 12.29
CA ILE A 314 -20.24 6.78 12.81
C ILE A 314 -19.90 7.89 11.83
N LYS A 315 -20.58 9.00 12.04
CA LYS A 315 -20.59 10.14 11.09
C LYS A 315 -19.20 10.59 10.66
N ASP A 316 -18.26 10.48 11.60
CA ASP A 316 -16.93 11.03 11.43
C ASP A 316 -15.93 9.94 11.15
N ALA A 317 -16.43 8.84 10.60
CA ALA A 317 -15.57 7.77 10.08
C ALA A 317 -14.58 8.29 9.04
N ASN A 318 -13.41 7.66 8.99
CA ASN A 318 -12.39 8.02 8.01
C ASN A 318 -12.40 7.08 6.83
N LEU A 319 -13.17 7.46 5.82
CA LEU A 319 -13.30 6.68 4.60
C LEU A 319 -12.69 7.52 3.48
N THR A 320 -11.66 8.25 3.87
CA THR A 320 -11.00 9.19 2.95
C THR A 320 -10.24 8.40 1.90
N GLY A 321 -10.25 7.09 2.08
CA GLY A 321 -9.54 6.21 1.18
C GLY A 321 -10.39 5.99 -0.05
N LEU A 322 -11.68 6.21 0.11
CA LEU A 322 -12.61 5.92 -0.98
C LEU A 322 -12.99 7.20 -1.73
N SER A 323 -12.76 8.32 -1.05
CA SER A 323 -12.92 9.64 -1.65
C SER A 323 -12.58 10.82 -0.74
N ASP A 324 -12.52 11.96 -1.39
CA ASP A 324 -12.14 13.23 -0.75
C ASP A 324 -13.33 13.78 0.01
N ASN A 325 -14.43 13.03 -0.06
CA ASN A 325 -15.68 13.42 0.61
C ASN A 325 -15.75 12.89 2.04
N LYS A 326 -15.49 13.80 2.98
CA LYS A 326 -15.29 13.45 4.39
C LYS A 326 -16.62 13.23 5.10
N GLU A 327 -17.71 13.33 4.34
CA GLU A 327 -19.06 13.28 4.92
C GLU A 327 -19.58 11.84 4.99
N ILE A 328 -18.79 10.93 4.43
CA ILE A 328 -19.21 9.52 4.22
C ILE A 328 -18.90 8.53 5.32
N PHE A 329 -19.91 7.73 5.60
CA PHE A 329 -19.80 6.62 6.53
C PHE A 329 -20.72 5.47 6.21
N LEU A 330 -20.49 4.42 6.96
CA LEU A 330 -21.18 3.16 6.78
C LEU A 330 -22.51 3.16 7.55
N SER A 331 -23.58 3.12 6.78
CA SER A 331 -24.93 3.18 7.34
C SER A 331 -25.54 1.82 7.70
N LYS A 332 -25.39 0.87 6.80
CA LYS A 332 -25.99 -0.45 7.01
C LYS A 332 -25.06 -1.53 6.52
N ALA A 333 -25.05 -2.61 7.30
CA ALA A 333 -24.34 -3.83 6.96
C ALA A 333 -25.31 -4.99 7.09
N ILE A 334 -25.40 -5.72 6.00
CA ILE A 334 -26.41 -6.76 5.79
C ILE A 334 -25.76 -8.08 5.43
N HIS A 335 -26.28 -9.14 6.01
CA HIS A 335 -25.83 -10.52 5.68
C HIS A 335 -27.02 -11.49 5.71
N LYS A 336 -27.22 -12.18 4.58
CA LYS A 336 -28.26 -13.23 4.43
C LYS A 336 -27.70 -14.48 3.78
N SER A 337 -28.13 -15.62 4.31
CA SER A 337 -27.64 -16.93 3.88
C SER A 337 -28.75 -17.97 3.75
N PHE A 338 -28.48 -18.93 2.88
CA PHE A 338 -29.34 -20.07 2.58
C PHE A 338 -28.49 -21.31 2.40
N LEU A 339 -28.96 -22.39 3.03
CA LEU A 339 -28.39 -23.74 2.86
C LEU A 339 -29.45 -24.81 2.73
N GLU A 340 -29.31 -25.57 1.67
CA GLU A 340 -30.10 -26.77 1.47
C GLU A 340 -29.26 -28.05 1.46
N VAL A 341 -29.69 -29.01 2.27
CA VAL A 341 -29.03 -30.29 2.38
C VAL A 341 -30.02 -31.36 2.01
N ASN A 342 -29.63 -32.17 1.04
CA ASN A 342 -30.48 -33.28 0.59
C ASN A 342 -29.68 -34.48 0.11
N GLU A 343 -30.38 -35.39 -0.56
CA GLU A 343 -29.80 -36.72 -0.86
C GLU A 343 -28.64 -36.63 -1.88
N GLU A 344 -28.81 -35.68 -2.78
CA GLU A 344 -27.85 -35.46 -3.86
C GLU A 344 -26.62 -34.70 -3.37
N GLY A 345 -26.85 -33.77 -2.47
CA GLY A 345 -25.74 -32.97 -1.94
C GLY A 345 -26.12 -31.77 -1.15
N SER A 346 -25.53 -30.65 -1.52
CA SER A 346 -25.85 -29.36 -0.90
C SER A 346 -25.80 -28.21 -1.90
N GLU A 347 -26.63 -27.21 -1.62
CA GLU A 347 -26.62 -25.91 -2.30
C GLU A 347 -26.73 -24.78 -1.25
N ALA A 348 -25.81 -23.82 -1.34
CA ALA A 348 -25.66 -22.74 -0.38
C ALA A 348 -25.27 -21.41 -1.03
N ALA A 349 -25.78 -20.35 -0.43
CA ALA A 349 -25.42 -18.98 -0.80
C ALA A 349 -25.38 -18.08 0.41
N ALA A 350 -24.50 -17.08 0.34
CA ALA A 350 -24.46 -16.00 1.32
C ALA A 350 -24.09 -14.71 0.62
N VAL A 351 -24.68 -13.63 1.10
CA VAL A 351 -24.47 -12.31 0.52
C VAL A 351 -24.26 -11.34 1.66
N SER A 352 -23.23 -10.51 1.49
CA SER A 352 -22.98 -9.43 2.41
C SER A 352 -23.06 -8.11 1.67
N GLY A 353 -23.76 -7.17 2.27
CA GLY A 353 -23.97 -5.89 1.65
C GLY A 353 -23.62 -4.75 2.57
N MET A 354 -23.03 -3.73 1.95
CA MET A 354 -22.56 -2.56 2.68
C MET A 354 -23.12 -1.31 2.03
N ILE A 355 -23.82 -0.51 2.81
CA ILE A 355 -24.44 0.71 2.24
C ILE A 355 -23.87 1.95 2.92
N ALA A 356 -23.22 2.79 2.11
CA ALA A 356 -22.54 3.98 2.60
C ALA A 356 -23.33 5.22 2.19
N ILE A 357 -23.41 6.13 3.14
CA ILE A 357 -24.14 7.39 3.00
C ILE A 357 -23.29 8.59 3.42
N SER A 358 -23.84 9.72 3.04
CA SER A 358 -23.31 11.01 3.43
C SER A 358 -24.21 11.49 4.52
N ARG A 359 -23.61 12.07 5.53
CA ARG A 359 -24.39 12.77 6.56
C ARG A 359 -24.84 14.08 5.94
N VAL B 3 -16.34 -56.27 13.27
CA VAL B 3 -16.25 -54.77 13.35
C VAL B 3 -17.62 -54.12 13.37
N LEU B 4 -17.82 -53.29 14.37
CA LEU B 4 -19.03 -52.47 14.51
C LEU B 4 -18.77 -51.04 14.03
N TYR B 5 -19.31 -50.71 12.86
CA TYR B 5 -19.12 -49.38 12.26
C TYR B 5 -19.74 -48.35 13.19
N PRO B 6 -19.08 -47.21 13.34
CA PRO B 6 -19.75 -46.19 14.10
C PRO B 6 -21.05 -45.78 13.40
N GLN B 7 -21.98 -45.33 14.21
CA GLN B 7 -23.23 -44.78 13.74
C GLN B 7 -23.32 -43.33 14.15
N VAL B 8 -23.51 -42.47 13.15
CA VAL B 8 -23.73 -41.05 13.38
C VAL B 8 -25.21 -40.81 13.09
N ILE B 9 -25.98 -40.72 14.17
CA ILE B 9 -27.43 -40.60 14.06
C ILE B 9 -27.84 -39.20 14.41
N VAL B 10 -28.07 -38.39 13.38
CA VAL B 10 -28.30 -36.93 13.54
C VAL B 10 -29.80 -36.67 13.80
N ASP B 11 -30.22 -37.07 14.99
CA ASP B 11 -31.64 -37.00 15.39
C ASP B 11 -31.84 -36.09 16.61
N HIS B 12 -30.88 -35.20 16.73
CA HIS B 12 -30.93 -34.07 17.65
C HIS B 12 -29.99 -32.95 17.14
N PRO B 13 -30.02 -31.76 17.76
CA PRO B 13 -29.24 -30.61 17.26
C PRO B 13 -27.77 -30.86 17.08
N PHE B 14 -27.26 -30.21 16.04
CA PHE B 14 -25.88 -30.35 15.60
C PHE B 14 -25.30 -29.09 15.02
N PHE B 15 -23.98 -29.04 15.10
CA PHE B 15 -23.14 -27.98 14.58
C PHE B 15 -22.59 -28.43 13.23
N PHE B 16 -22.49 -27.50 12.30
CA PHE B 16 -21.96 -27.79 10.96
C PHE B 16 -21.07 -26.69 10.39
N LEU B 17 -20.19 -27.15 9.51
CA LEU B 17 -19.26 -26.30 8.74
CA LEU B 17 -19.45 -26.22 8.69
C LEU B 17 -19.14 -26.85 7.35
N ILE B 18 -19.10 -25.96 6.37
CA ILE B 18 -18.69 -26.28 5.02
C ILE B 18 -17.36 -25.62 4.81
N ARG B 19 -16.38 -26.44 4.45
CA ARG B 19 -14.96 -26.03 4.42
C ARG B 19 -14.24 -26.48 3.16
N ASN B 20 -13.23 -25.70 2.79
CA ASN B 20 -12.26 -26.11 1.81
C ASN B 20 -11.25 -27.02 2.51
N ARG B 21 -11.09 -28.20 1.95
CA ARG B 21 -10.35 -29.31 2.64
C ARG B 21 -8.89 -29.06 2.59
N ARG B 22 -8.51 -28.32 1.58
CA ARG B 22 -7.08 -28.10 1.28
C ARG B 22 -6.53 -26.94 2.04
N THR B 23 -7.32 -25.88 2.00
CA THR B 23 -6.89 -24.59 2.48
C THR B 23 -7.42 -24.36 3.88
N GLY B 24 -8.47 -25.10 4.22
CA GLY B 24 -9.12 -25.00 5.52
C GLY B 24 -10.13 -23.88 5.64
N THR B 25 -10.21 -23.05 4.61
CA THR B 25 -11.17 -21.93 4.61
C THR B 25 -12.60 -22.33 4.88
N ILE B 26 -13.21 -21.67 5.85
CA ILE B 26 -14.63 -21.86 6.22
C ILE B 26 -15.56 -21.01 5.33
N LEU B 27 -16.42 -21.71 4.59
CA LEU B 27 -17.33 -21.10 3.63
C LEU B 27 -18.63 -20.76 4.31
N PHE B 28 -19.10 -21.76 5.05
CA PHE B 28 -20.36 -21.66 5.79
C PHE B 28 -20.22 -22.32 7.16
N MET B 29 -20.93 -21.75 8.11
CA MET B 29 -21.00 -22.37 9.43
CA MET B 29 -20.94 -22.25 9.49
C MET B 29 -22.31 -22.03 10.11
N GLY B 30 -22.71 -22.92 11.00
CA GLY B 30 -23.98 -22.78 11.69
C GLY B 30 -24.35 -24.00 12.50
N ARG B 31 -25.62 -24.01 12.88
CA ARG B 31 -26.22 -25.08 13.66
C ARG B 31 -27.68 -25.28 13.28
N VAL B 32 -28.12 -26.51 13.45
CA VAL B 32 -29.54 -26.81 13.30
C VAL B 32 -30.15 -27.23 14.62
N MET B 33 -30.97 -26.33 15.17
CA MET B 33 -31.73 -26.58 16.40
C MET B 33 -33.15 -27.04 16.06
N HIS B 34 -33.59 -26.59 14.89
CA HIS B 34 -34.95 -26.84 14.34
C HIS B 34 -34.87 -27.27 12.85
N PRO B 35 -34.95 -28.59 12.58
CA PRO B 35 -34.69 -29.01 11.21
C PRO B 35 -35.92 -29.05 10.31
N GLU B 36 -37.08 -28.88 10.93
CA GLU B 36 -38.36 -29.10 10.23
C GLU B 36 -38.70 -27.93 9.33
N THR B 37 -39.55 -28.26 8.36
CA THR B 37 -39.85 -27.35 7.26
C THR B 37 -40.51 -26.06 7.76
N GLU C 21 5.38 20.07 -3.01
CA GLU C 21 5.88 20.97 -1.93
C GLU C 21 6.73 20.11 -1.04
N ALA C 22 6.62 18.82 -1.31
CA ALA C 22 7.30 17.79 -0.54
C ALA C 22 8.78 17.82 -0.88
N ILE C 23 9.09 17.82 -2.17
CA ILE C 23 10.50 17.73 -2.58
C ILE C 23 11.09 19.08 -2.28
N ALA C 24 10.20 20.07 -2.16
CA ALA C 24 10.60 21.44 -1.83
C ALA C 24 11.10 21.51 -0.38
N ASP C 25 10.26 21.03 0.51
CA ASP C 25 10.57 21.00 1.95
C ASP C 25 11.82 20.17 2.18
N LEU C 26 11.86 19.03 1.53
CA LEU C 26 13.02 18.11 1.58
C LEU C 26 14.31 18.84 1.20
N SER C 27 14.21 19.54 0.09
CA SER C 27 15.36 20.20 -0.50
C SER C 27 15.95 21.26 0.45
N VAL C 28 15.05 22.03 1.06
CA VAL C 28 15.51 23.12 1.93
C VAL C 28 16.01 22.55 3.25
N ASN C 29 15.35 21.50 3.73
CA ASN C 29 15.84 20.83 4.95
C ASN C 29 17.24 20.23 4.75
N MET C 30 17.49 19.59 3.62
CA MET C 30 18.81 19.00 3.42
CA MET C 30 18.83 19.00 3.34
C MET C 30 19.85 20.12 3.22
N TYR C 31 19.45 21.21 2.57
CA TYR C 31 20.41 22.33 2.33
C TYR C 31 20.81 22.91 3.69
N ASN C 32 19.84 22.95 4.60
CA ASN C 32 20.06 23.54 5.92
C ASN C 32 21.07 22.72 6.69
N ARG C 33 20.97 21.41 6.56
CA ARG C 33 21.89 20.49 7.25
C ARG C 33 23.29 20.64 6.68
N LEU C 34 23.36 20.70 5.36
CA LEU C 34 24.67 20.79 4.66
C LEU C 34 25.41 22.09 4.92
N ARG C 35 24.69 23.20 5.02
CA ARG C 35 25.37 24.46 5.32
C ARG C 35 25.80 24.49 6.78
N ALA C 36 25.08 23.78 7.62
CA ALA C 36 25.38 23.73 9.06
C ALA C 36 26.65 22.93 9.34
N THR C 37 26.93 21.98 8.46
CA THR C 37 28.06 21.07 8.66
C THR C 37 29.16 21.28 7.64
N GLY C 38 28.97 22.29 6.81
CA GLY C 38 29.63 22.36 5.49
C GLY C 38 30.84 23.28 5.42
N GLU C 39 31.01 23.97 6.54
CA GLU C 39 31.97 25.06 6.66
C GLU C 39 31.66 26.19 5.73
N ASP C 40 32.65 26.48 4.92
CA ASP C 40 32.56 27.53 3.93
CA ASP C 40 32.49 27.52 3.94
C ASP C 40 32.77 26.96 2.56
N GLU C 41 32.42 25.71 2.41
CA GLU C 41 32.64 24.99 1.14
C GLU C 41 31.44 25.08 0.20
N ASN C 42 31.67 24.78 -1.06
CA ASN C 42 30.59 24.68 -2.02
C ASN C 42 29.61 23.56 -1.63
N ILE C 43 28.38 23.71 -2.10
CA ILE C 43 27.33 22.71 -1.86
C ILE C 43 26.66 22.43 -3.17
N LEU C 44 26.43 21.16 -3.38
CA LEU C 44 25.60 20.68 -4.50
C LEU C 44 25.02 19.30 -4.23
N PHE C 45 23.72 19.19 -4.42
CA PHE C 45 22.99 17.90 -4.29
C PHE C 45 21.70 17.95 -5.14
N SER C 46 21.13 16.77 -5.37
CA SER C 46 19.82 16.61 -5.99
C SER C 46 18.77 16.05 -5.02
N PRO C 47 17.79 16.90 -4.65
CA PRO C 47 16.72 16.43 -3.75
C PRO C 47 15.86 15.40 -4.44
N LEU C 48 15.77 15.51 -5.77
CA LEU C 48 15.02 14.57 -6.57
C LEU C 48 15.64 13.19 -6.42
N SER C 49 16.96 13.13 -6.55
CA SER C 49 17.68 11.83 -6.53
C SER C 49 17.43 11.13 -5.18
N ILE C 50 17.48 11.96 -4.17
CA ILE C 50 17.42 11.52 -2.79
C ILE C 50 16.02 11.02 -2.46
N ALA C 51 15.03 11.74 -2.95
CA ALA C 51 13.62 11.35 -2.83
C ALA C 51 13.35 9.99 -3.51
N LEU C 52 13.93 9.82 -4.69
CA LEU C 52 13.71 8.59 -5.46
C LEU C 52 14.34 7.41 -4.70
N ALA C 53 15.57 7.63 -4.24
CA ALA C 53 16.31 6.61 -3.47
C ALA C 53 15.58 6.21 -2.20
N MET C 54 15.02 7.20 -1.53
CA MET C 54 14.30 6.97 -0.25
C MET C 54 12.95 6.35 -0.58
N GLY C 55 12.48 6.61 -1.79
CA GLY C 55 11.20 6.03 -2.21
C GLY C 55 11.36 4.53 -2.35
N MET C 56 12.50 4.13 -2.91
CA MET C 56 12.78 2.71 -3.17
C MET C 56 13.01 1.98 -1.84
N MET C 57 13.66 2.68 -0.91
CA MET C 57 13.86 2.13 0.44
C MET C 57 12.54 1.91 1.16
N GLU C 58 11.61 2.82 0.93
CA GLU C 58 10.33 2.77 1.64
C GLU C 58 9.57 1.50 1.23
N LEU C 59 9.74 1.13 -0.03
CA LEU C 59 9.03 -0.02 -0.61
C LEU C 59 9.44 -1.27 0.17
N GLY C 60 10.59 -1.16 0.80
CA GLY C 60 11.22 -2.33 1.45
C GLY C 60 10.94 -2.34 2.94
N ALA C 61 10.58 -1.17 3.43
CA ALA C 61 10.34 -0.90 4.86
C ALA C 61 8.92 -1.20 5.30
N GLN C 62 8.80 -1.57 6.56
CA GLN C 62 7.52 -1.76 7.27
C GLN C 62 7.53 -1.23 8.70
N GLY C 63 6.36 -1.29 9.32
CA GLY C 63 6.17 -0.81 10.67
C GLY C 63 6.82 0.51 11.02
N SER C 64 7.41 0.54 12.20
CA SER C 64 8.00 1.76 12.77
C SER C 64 9.01 2.39 11.79
N THR C 65 9.66 1.54 11.01
CA THR C 65 10.78 1.97 10.14
C THR C 65 10.20 2.75 8.98
N GLN C 66 9.11 2.20 8.46
CA GLN C 66 8.41 2.81 7.33
C GLN C 66 7.73 4.07 7.81
N LYS C 67 7.16 3.97 9.01
CA LYS C 67 6.44 5.10 9.63
C LYS C 67 7.37 6.30 9.68
N GLU C 68 8.61 6.03 10.04
CA GLU C 68 9.59 7.12 10.30
C GLU C 68 9.97 7.76 8.98
N ILE C 69 10.10 6.91 7.97
CA ILE C 69 10.50 7.38 6.65
C ILE C 69 9.43 8.34 6.15
N ARG C 70 8.21 7.87 6.21
CA ARG C 70 7.09 8.63 5.64
C ARG C 70 6.97 10.00 6.27
N HIS C 71 7.18 10.02 7.57
CA HIS C 71 7.02 11.22 8.34
C HIS C 71 8.14 12.17 7.99
N SER C 72 9.33 11.61 7.88
CA SER C 72 10.53 12.41 7.65
C SER C 72 10.48 13.02 6.27
N MET C 73 9.79 12.35 5.35
CA MET C 73 9.80 12.73 3.93
C MET C 73 8.65 13.69 3.67
N GLY C 74 7.81 13.79 4.69
CA GLY C 74 6.62 14.62 4.68
C GLY C 74 5.39 14.01 4.03
N TYR C 75 5.24 12.68 4.14
CA TYR C 75 4.17 11.97 3.41
C TYR C 75 2.98 11.61 4.30
N ASP C 76 3.10 11.95 5.57
CA ASP C 76 2.05 11.62 6.56
C ASP C 76 0.66 11.97 6.08
N SER C 77 0.59 13.00 5.24
CA SER C 77 -0.70 13.62 4.89
C SER C 77 -1.40 12.86 3.79
N LEU C 78 -0.71 11.84 3.27
CA LEU C 78 -1.11 11.17 2.03
C LEU C 78 -2.01 9.96 2.30
N GLU C 82 0.67 5.95 -3.24
CA GLU C 82 0.53 7.19 -2.46
C GLU C 82 1.42 8.27 -3.00
N GLU C 83 2.46 8.50 -2.20
CA GLU C 83 3.64 9.25 -2.62
C GLU C 83 4.29 8.55 -3.81
N PHE C 84 3.92 7.29 -4.01
CA PHE C 84 4.54 6.45 -5.05
C PHE C 84 4.07 6.85 -6.45
N SER C 85 2.81 7.24 -6.52
CA SER C 85 2.23 7.78 -7.76
C SER C 85 3.00 8.99 -8.22
N PHE C 86 3.32 9.87 -7.28
CA PHE C 86 3.99 11.12 -7.66
C PHE C 86 5.45 10.83 -7.96
N LEU C 87 6.03 9.87 -7.25
CA LEU C 87 7.45 9.56 -7.46
C LEU C 87 7.62 8.97 -8.84
N LYS C 88 6.62 8.19 -9.25
CA LYS C 88 6.62 7.51 -10.56
C LYS C 88 6.46 8.59 -11.62
N GLU C 89 5.80 9.63 -11.16
CA GLU C 89 5.27 10.75 -11.97
C GLU C 89 6.43 11.57 -12.47
N PHE C 90 7.39 11.75 -11.57
CA PHE C 90 8.72 12.23 -11.96
C PHE C 90 9.11 11.25 -13.07
N SER C 91 8.29 11.29 -14.12
CA SER C 91 8.40 10.37 -15.26
C SER C 91 9.81 10.37 -15.83
N SER C 99 13.70 16.13 -27.71
CA SER C 99 13.91 17.35 -26.92
C SER C 99 15.11 18.18 -27.38
N GLN C 100 15.19 19.36 -26.79
CA GLN C 100 16.33 20.22 -27.01
C GLN C 100 17.18 20.23 -25.76
N TYR C 101 16.79 19.40 -24.81
CA TYR C 101 17.61 19.16 -23.62
C TYR C 101 17.57 17.71 -23.24
N VAL C 102 18.44 17.38 -22.29
CA VAL C 102 18.52 16.02 -21.75
C VAL C 102 18.14 15.99 -20.28
N MET C 103 17.25 15.06 -19.98
CA MET C 103 16.86 14.75 -18.62
CA MET C 103 16.86 14.75 -18.62
C MET C 103 16.65 13.25 -18.49
N LYS C 104 17.54 12.63 -17.73
CA LYS C 104 17.56 11.18 -17.55
CA LYS C 104 17.56 11.19 -17.54
C LYS C 104 17.57 10.81 -16.07
N ILE C 105 16.73 9.86 -15.73
CA ILE C 105 16.65 9.33 -14.37
C ILE C 105 16.70 7.81 -14.43
N ALA C 106 17.66 7.23 -13.72
CA ALA C 106 17.83 5.78 -13.79
C ALA C 106 17.96 5.18 -12.40
N ASN C 107 17.30 4.05 -12.21
CA ASN C 107 17.38 3.29 -10.96
C ASN C 107 17.89 1.90 -11.20
N SER C 108 18.66 1.40 -10.24
CA SER C 108 19.17 0.04 -10.34
C SER C 108 19.31 -0.59 -8.95
N LEU C 109 19.09 -1.89 -8.94
CA LEU C 109 19.25 -2.72 -7.76
C LEU C 109 20.26 -3.81 -8.07
N PHE C 110 21.21 -3.93 -7.18
CA PHE C 110 22.22 -4.99 -7.28
C PHE C 110 22.00 -5.92 -6.10
N VAL C 111 21.67 -7.17 -6.39
CA VAL C 111 21.18 -8.13 -5.39
C VAL C 111 22.11 -9.31 -5.30
N GLN C 112 22.43 -9.72 -4.09
CA GLN C 112 23.37 -10.83 -3.90
C GLN C 112 22.76 -12.08 -4.50
N ASN C 113 23.59 -12.84 -5.21
CA ASN C 113 23.13 -14.12 -5.80
C ASN C 113 22.59 -14.99 -4.69
N GLY C 114 21.41 -15.55 -4.92
CA GLY C 114 20.80 -16.51 -4.00
C GLY C 114 19.99 -15.87 -2.90
N PHE C 115 20.04 -14.53 -2.85
CA PHE C 115 19.19 -13.75 -1.94
C PHE C 115 17.79 -13.61 -2.52
N HIS C 116 16.81 -14.13 -1.80
CA HIS C 116 15.43 -14.11 -2.28
CA HIS C 116 15.42 -14.09 -2.28
C HIS C 116 14.74 -12.82 -1.84
N VAL C 117 14.52 -11.96 -2.81
CA VAL C 117 13.85 -10.69 -2.62
C VAL C 117 12.34 -10.95 -2.81
N ASN C 118 11.55 -10.32 -1.94
CA ASN C 118 10.08 -10.43 -2.01
C ASN C 118 9.58 -10.02 -3.36
N GLU C 119 8.70 -10.87 -3.87
CA GLU C 119 8.11 -10.69 -5.20
C GLU C 119 7.42 -9.34 -5.31
N GLU C 120 6.71 -8.96 -4.25
CA GLU C 120 5.87 -7.77 -4.34
C GLU C 120 6.77 -6.55 -4.46
N PHE C 121 7.89 -6.63 -3.77
CA PHE C 121 8.87 -5.54 -3.74
C PHE C 121 9.41 -5.34 -5.15
N LEU C 122 9.72 -6.46 -5.78
CA LEU C 122 10.33 -6.42 -7.13
C LEU C 122 9.32 -5.81 -8.09
N GLN C 123 8.07 -6.19 -7.90
CA GLN C 123 6.99 -5.74 -8.79
C GLN C 123 6.76 -4.22 -8.63
N MET C 124 6.84 -3.77 -7.40
CA MET C 124 6.58 -2.36 -7.11
C MET C 124 7.77 -1.53 -7.57
N MET C 125 8.94 -2.13 -7.51
CA MET C 125 10.19 -1.45 -7.91
C MET C 125 10.11 -1.18 -9.40
N LYS C 126 9.54 -2.15 -10.08
CA LYS C 126 9.46 -2.10 -11.54
C LYS C 126 8.46 -1.04 -11.95
N LYS C 127 7.32 -1.14 -11.31
CA LYS C 127 6.15 -0.28 -11.58
C LYS C 127 6.47 1.18 -11.34
N TYR C 128 7.07 1.48 -10.19
CA TYR C 128 7.21 2.86 -9.73
C TYR C 128 8.54 3.49 -10.13
N PHE C 129 9.54 2.64 -10.26
CA PHE C 129 10.93 3.10 -10.39
C PHE C 129 11.66 2.55 -11.62
N ASN C 130 11.04 1.58 -12.30
CA ASN C 130 11.62 0.98 -13.51
C ASN C 130 13.08 0.63 -13.27
N ALA C 131 13.31 0.06 -12.11
CA ALA C 131 14.64 -0.36 -11.70
C ALA C 131 15.18 -1.56 -12.48
N ALA C 132 16.40 -1.39 -12.98
CA ALA C 132 17.20 -2.52 -13.50
C ALA C 132 17.55 -3.43 -12.33
N VAL C 133 17.35 -4.73 -12.48
CA VAL C 133 17.71 -5.65 -11.40
C VAL C 133 18.85 -6.57 -11.83
N ASN C 134 19.97 -6.39 -11.14
CA ASN C 134 21.20 -7.09 -11.45
C ASN C 134 21.63 -8.00 -10.32
N HIS C 135 21.98 -9.23 -10.65
CA HIS C 135 22.51 -10.15 -9.62
C HIS C 135 24.01 -10.18 -9.64
N VAL C 136 24.55 -10.16 -8.43
CA VAL C 136 25.99 -10.03 -8.20
C VAL C 136 26.46 -10.87 -7.01
N ASP C 137 27.78 -11.02 -6.94
CA ASP C 137 28.47 -11.60 -5.80
C ASP C 137 29.34 -10.53 -5.11
N PHE C 138 28.77 -9.99 -4.05
CA PHE C 138 29.39 -8.89 -3.30
C PHE C 138 30.72 -9.31 -2.70
N SER C 139 30.90 -10.60 -2.50
CA SER C 139 32.19 -11.09 -1.94
C SER C 139 33.32 -10.81 -2.91
N GLN C 140 32.93 -10.75 -4.19
CA GLN C 140 33.86 -10.40 -5.27
C GLN C 140 33.83 -8.89 -5.36
N ASN C 141 34.47 -8.31 -4.36
CA ASN C 141 34.28 -6.89 -4.05
C ASN C 141 34.86 -5.95 -5.08
N VAL C 142 35.94 -6.39 -5.72
CA VAL C 142 36.60 -5.56 -6.72
C VAL C 142 35.66 -5.54 -7.94
N ALA C 143 35.19 -6.72 -8.32
CA ALA C 143 34.40 -6.86 -9.57
C ALA C 143 33.09 -6.08 -9.41
N VAL C 144 32.51 -6.21 -8.23
CA VAL C 144 31.20 -5.59 -7.97
C VAL C 144 31.32 -4.04 -7.90
N ALA C 145 32.39 -3.56 -7.27
CA ALA C 145 32.65 -2.09 -7.30
C ALA C 145 32.75 -1.57 -8.74
N ASN C 146 33.53 -2.30 -9.54
CA ASN C 146 33.82 -1.92 -10.93
C ASN C 146 32.51 -1.85 -11.69
N TYR C 147 31.65 -2.81 -11.40
CA TYR C 147 30.38 -3.02 -12.17
C TYR C 147 29.41 -1.89 -11.83
N ILE C 148 29.29 -1.62 -10.54
CA ILE C 148 28.40 -0.56 -10.08
C ILE C 148 28.87 0.81 -10.56
N ASN C 149 30.17 1.04 -10.47
CA ASN C 149 30.75 2.35 -10.85
C ASN C 149 30.59 2.56 -12.36
N LYS C 150 30.71 1.49 -13.13
CA LYS C 150 30.47 1.54 -14.58
C LYS C 150 29.02 1.96 -14.87
N TRP C 151 28.09 1.34 -14.17
CA TRP C 151 26.68 1.67 -14.34
C TRP C 151 26.45 3.17 -14.01
N VAL C 152 27.12 3.65 -12.95
CA VAL C 152 27.03 5.08 -12.56
C VAL C 152 27.56 5.97 -13.70
N GLU C 153 28.71 5.60 -14.24
CA GLU C 153 29.35 6.42 -15.28
C GLU C 153 28.42 6.42 -16.50
N ASN C 154 27.83 5.28 -16.77
CA ASN C 154 26.97 5.08 -17.94
C ASN C 154 25.70 5.91 -17.88
N ASN C 155 25.34 6.32 -16.67
CA ASN C 155 24.08 7.05 -16.41
C ASN C 155 24.31 8.49 -15.95
N THR C 156 25.56 8.91 -16.05
CA THR C 156 25.90 10.30 -15.71
C THR C 156 26.90 10.93 -16.68
N ASN C 157 27.00 10.40 -17.90
CA ASN C 157 28.01 10.88 -18.87
C ASN C 157 29.39 10.97 -18.26
N ASN C 158 29.67 10.02 -17.36
CA ASN C 158 30.99 9.89 -16.71
CA ASN C 158 30.99 9.90 -16.74
C ASN C 158 31.38 11.04 -15.82
N LEU C 159 30.38 11.77 -15.36
CA LEU C 159 30.60 12.93 -14.47
C LEU C 159 30.81 12.57 -13.00
N VAL C 160 30.26 11.44 -12.61
CA VAL C 160 30.36 10.97 -11.21
C VAL C 160 31.11 9.68 -11.26
N LYS C 161 32.26 9.72 -10.64
CA LYS C 161 33.14 8.56 -10.59
C LYS C 161 33.30 8.12 -9.15
N ASP C 162 33.64 6.85 -9.03
CA ASP C 162 34.02 6.27 -7.77
C ASP C 162 32.95 6.50 -6.69
N LEU C 163 31.70 6.36 -7.08
CA LEU C 163 30.59 6.36 -6.12
C LEU C 163 30.88 5.37 -4.99
N VAL C 164 31.26 4.18 -5.41
CA VAL C 164 31.64 3.10 -4.47
C VAL C 164 33.07 2.63 -4.71
N SER C 165 33.53 1.79 -3.80
CA SER C 165 34.88 1.22 -3.91
C SER C 165 34.86 -0.23 -3.41
N PRO C 166 35.91 -1.03 -3.70
CA PRO C 166 35.81 -2.41 -3.17
C PRO C 166 35.74 -2.48 -1.66
N ARG C 167 36.12 -1.38 -1.03
CA ARG C 167 36.19 -1.29 0.45
C ARG C 167 34.79 -1.23 1.04
N ASP C 168 33.78 -1.18 0.16
CA ASP C 168 32.38 -1.05 0.55
C ASP C 168 31.65 -2.38 0.66
N PHE C 169 32.27 -3.43 0.10
CA PHE C 169 31.57 -4.71 -0.15
C PHE C 169 32.28 -5.95 0.42
N ASP C 170 31.47 -6.85 0.97
CA ASP C 170 31.96 -8.14 1.46
C ASP C 170 30.83 -9.17 1.61
N ALA C 171 31.16 -10.26 2.29
CA ALA C 171 30.20 -11.37 2.52
C ALA C 171 28.89 -10.92 3.19
N ALA C 172 28.94 -9.81 3.91
CA ALA C 172 27.77 -9.32 4.66
C ALA C 172 26.81 -8.47 3.81
N THR C 173 27.25 -8.08 2.62
CA THR C 173 26.44 -7.19 1.77
C THR C 173 25.41 -7.99 1.02
N TYR C 174 24.15 -7.55 1.08
CA TYR C 174 23.07 -8.22 0.38
C TYR C 174 22.47 -7.45 -0.79
N LEU C 175 22.54 -6.14 -0.72
CA LEU C 175 21.93 -5.25 -1.70
C LEU C 175 22.59 -3.87 -1.79
N ALA C 176 22.59 -3.34 -2.99
CA ALA C 176 22.92 -1.93 -3.26
C ALA C 176 21.85 -1.38 -4.19
N LEU C 177 21.31 -0.24 -3.82
CA LEU C 177 20.27 0.45 -4.59
CA LEU C 177 20.30 0.42 -4.63
C LEU C 177 20.84 1.78 -4.99
N ILE C 178 20.75 2.09 -6.27
CA ILE C 178 21.31 3.33 -6.84
C ILE C 178 20.29 4.10 -7.67
N ASN C 179 20.29 5.41 -7.48
CA ASN C 179 19.57 6.33 -8.37
C ASN C 179 20.53 7.31 -9.00
N ALA C 180 20.34 7.59 -10.28
CA ALA C 180 21.09 8.65 -10.97
C ALA C 180 20.16 9.63 -11.66
N VAL C 181 20.42 10.91 -11.44
CA VAL C 181 19.75 12.03 -12.12
C VAL C 181 20.81 12.77 -12.96
N TYR C 182 20.52 12.91 -14.26
CA TYR C 182 21.40 13.59 -15.22
C TYR C 182 20.61 14.64 -16.00
N PHE C 183 21.22 15.81 -16.15
CA PHE C 183 20.63 16.91 -16.88
C PHE C 183 21.68 17.61 -17.72
N LYS C 184 21.30 17.93 -18.94
CA LYS C 184 22.12 18.78 -19.78
C LYS C 184 21.24 19.69 -20.64
N GLY C 185 21.48 20.99 -20.54
CA GLY C 185 20.75 21.98 -21.34
C GLY C 185 21.62 23.08 -21.87
N ASN C 186 21.17 23.62 -22.98
CA ASN C 186 21.72 24.85 -23.53
C ASN C 186 20.91 25.96 -22.91
N TRP C 187 21.57 27.07 -22.62
CA TRP C 187 20.83 28.30 -22.31
C TRP C 187 19.94 28.68 -23.48
N LYS C 188 18.75 29.17 -23.17
CA LYS C 188 17.84 29.62 -24.20
C LYS C 188 18.53 30.72 -24.99
N SER C 189 19.20 31.56 -24.22
CA SER C 189 20.10 32.60 -24.68
C SER C 189 21.51 32.38 -24.22
N GLN C 190 22.36 31.89 -25.13
CA GLN C 190 23.75 31.53 -24.76
C GLN C 190 24.68 32.77 -24.64
N PHE C 191 25.71 32.57 -23.85
CA PHE C 191 26.80 33.55 -23.71
C PHE C 191 27.81 33.35 -24.84
N ARG C 192 28.29 34.44 -25.41
CA ARG C 192 29.30 34.35 -26.48
C ARG C 192 30.66 34.24 -25.80
N PRO C 193 31.46 33.23 -26.16
CA PRO C 193 32.77 33.07 -25.52
C PRO C 193 33.65 34.34 -25.57
N GLU C 194 33.50 35.09 -26.65
CA GLU C 194 34.26 36.35 -26.89
C GLU C 194 33.95 37.43 -25.84
N ASN C 195 32.80 37.30 -25.21
CA ASN C 195 32.33 38.25 -24.15
C ASN C 195 32.85 37.88 -22.75
N THR C 196 33.48 36.71 -22.63
CA THR C 196 34.03 36.25 -21.32
C THR C 196 35.38 36.92 -21.08
N ARG C 197 35.52 37.46 -19.87
CA ARG C 197 36.72 38.21 -19.45
C ARG C 197 37.06 37.89 -18.01
N THR C 198 38.34 38.08 -17.69
CA THR C 198 38.80 37.86 -16.32
C THR C 198 38.26 38.95 -15.40
N PHE C 199 37.66 38.50 -14.31
CA PHE C 199 37.15 39.38 -13.29
C PHE C 199 37.63 38.92 -11.92
N SER C 200 37.77 39.88 -11.03
CA SER C 200 37.99 39.57 -9.60
C SER C 200 36.68 39.08 -8.95
N PHE C 201 36.78 38.00 -8.17
CA PHE C 201 35.65 37.41 -7.43
C PHE C 201 36.06 37.46 -5.99
N THR C 202 35.25 38.11 -5.17
CA THR C 202 35.53 38.29 -3.73
C THR C 202 34.78 37.25 -2.91
N LYS C 203 35.55 36.33 -2.33
CA LYS C 203 35.04 35.32 -1.40
C LYS C 203 34.55 35.98 -0.14
N ASP C 204 33.74 35.25 0.61
CA ASP C 204 33.12 35.83 1.81
C ASP C 204 34.10 35.93 2.97
N ASP C 205 35.32 35.44 2.79
CA ASP C 205 36.43 35.67 3.76
C ASP C 205 37.30 36.83 3.35
N GLU C 206 36.82 37.52 2.32
CA GLU C 206 37.43 38.76 1.79
C GLU C 206 38.60 38.54 0.87
N SER C 207 39.00 37.28 0.71
CA SER C 207 40.03 36.92 -0.27
C SER C 207 39.49 37.01 -1.71
N GLU C 208 40.40 37.21 -2.65
CA GLU C 208 39.99 37.43 -4.03
C GLU C 208 40.66 36.45 -4.93
N VAL C 209 39.89 35.97 -5.89
CA VAL C 209 40.39 35.12 -6.96
C VAL C 209 39.95 35.70 -8.31
N GLN C 210 40.78 35.50 -9.33
CA GLN C 210 40.42 35.95 -10.70
C GLN C 210 39.87 34.78 -11.44
N ILE C 211 38.72 34.99 -12.05
CA ILE C 211 38.04 33.91 -12.76
CA ILE C 211 38.00 33.93 -12.76
C ILE C 211 37.45 34.38 -14.10
N PRO C 212 37.11 33.42 -14.97
CA PRO C 212 36.45 33.77 -16.24
C PRO C 212 35.01 34.14 -15.96
N MET C 213 34.66 35.36 -16.35
CA MET C 213 33.36 35.93 -16.12
C MET C 213 32.65 36.11 -17.46
N MET C 214 31.64 35.29 -17.64
CA MET C 214 30.77 35.31 -18.84
C MET C 214 29.88 36.52 -18.73
N TYR C 215 29.44 36.99 -19.88
CA TYR C 215 28.54 38.17 -19.99
C TYR C 215 27.57 38.06 -21.17
N GLN C 216 26.35 38.48 -20.87
CA GLN C 216 25.41 38.90 -21.88
C GLN C 216 24.36 39.84 -21.34
N GLN C 217 23.80 40.59 -22.26
CA GLN C 217 22.54 41.29 -22.04
C GLN C 217 21.45 40.44 -22.67
N GLY C 218 20.61 39.89 -21.81
CA GLY C 218 19.57 38.99 -22.28
C GLY C 218 18.25 39.16 -21.57
N GLU C 219 17.25 38.47 -22.07
CA GLU C 219 15.90 38.54 -21.49
C GLU C 219 15.67 37.40 -20.51
N PHE C 220 15.75 37.75 -19.25
CA PHE C 220 15.70 36.77 -18.19
C PHE C 220 14.66 37.21 -17.21
N TYR C 221 14.40 36.36 -16.22
CA TYR C 221 13.40 36.70 -15.19
C TYR C 221 14.13 37.25 -14.00
N TYR C 222 13.67 38.40 -13.53
CA TYR C 222 14.39 39.10 -12.46
C TYR C 222 13.45 39.70 -11.45
N GLY C 223 13.90 39.67 -10.21
CA GLY C 223 13.21 40.40 -9.11
C GLY C 223 14.15 40.81 -8.01
N GLU C 224 13.68 41.74 -7.17
CA GLU C 224 14.41 42.24 -6.01
C GLU C 224 13.59 42.07 -4.75
N PHE C 225 14.23 41.46 -3.76
CA PHE C 225 13.60 41.12 -2.47
CA PHE C 225 13.59 41.14 -2.50
C PHE C 225 14.30 41.80 -1.33
N SER C 226 13.54 42.22 -0.35
CA SER C 226 14.13 42.82 0.86
C SER C 226 15.00 41.81 1.57
N ASP C 227 16.18 42.26 1.99
CA ASP C 227 17.12 41.38 2.69
C ASP C 227 16.88 41.52 4.18
N GLY C 228 16.09 42.51 4.53
CA GLY C 228 15.59 42.69 5.89
C GLY C 228 16.41 43.67 6.70
N SER C 229 17.37 44.29 6.04
CA SER C 229 18.40 45.07 6.72
C SER C 229 18.20 46.57 6.71
N ASN C 230 17.46 47.02 5.70
CA ASN C 230 17.45 48.45 5.33
C ASN C 230 18.87 48.93 5.06
N GLY C 233 20.17 50.09 0.13
CA GLY C 233 20.56 49.04 -0.83
C GLY C 233 20.15 47.64 -0.38
N GLY C 234 19.30 47.65 0.63
CA GLY C 234 18.87 46.48 1.40
C GLY C 234 17.99 45.47 0.69
N ILE C 235 18.44 45.11 -0.50
CA ILE C 235 17.79 44.06 -1.27
C ILE C 235 18.78 42.97 -1.70
N TYR C 236 18.24 41.81 -2.04
CA TYR C 236 18.97 40.80 -2.79
C TYR C 236 18.26 40.54 -4.11
N GLN C 237 19.02 40.02 -5.07
CA GLN C 237 18.54 39.84 -6.43
C GLN C 237 18.27 38.38 -6.67
N VAL C 238 17.19 38.13 -7.41
CA VAL C 238 16.85 36.81 -7.88
C VAL C 238 16.81 36.83 -9.40
N LEU C 239 17.59 35.95 -9.99
CA LEU C 239 17.68 35.83 -11.45
C LEU C 239 17.40 34.38 -11.89
N GLU C 240 16.45 34.23 -12.80
CA GLU C 240 16.09 32.92 -13.36
C GLU C 240 16.44 32.92 -14.85
N ILE C 241 17.29 31.97 -15.21
CA ILE C 241 17.81 31.83 -16.58
C ILE C 241 17.28 30.53 -17.20
N PRO C 242 16.40 30.67 -18.21
CA PRO C 242 15.81 29.43 -18.74
C PRO C 242 16.74 28.69 -19.70
N TYR C 243 16.57 27.36 -19.73
CA TYR C 243 17.24 26.52 -20.73
C TYR C 243 16.35 26.33 -21.95
N GLU C 244 17.01 26.09 -23.07
CA GLU C 244 16.32 25.71 -24.30
C GLU C 244 15.29 24.64 -23.98
N GLY C 245 14.10 24.86 -24.49
CA GLY C 245 13.07 23.86 -24.39
C GLY C 245 12.03 24.28 -23.39
N ASP C 246 12.34 25.32 -22.64
CA ASP C 246 11.33 26.00 -21.84
C ASP C 246 10.81 25.19 -20.62
N GLU C 247 11.47 24.08 -20.33
CA GLU C 247 11.01 23.20 -19.24
C GLU C 247 11.80 23.43 -17.93
N ILE C 248 13.08 23.69 -18.11
CA ILE C 248 14.03 23.79 -17.00
C ILE C 248 14.68 25.17 -16.96
N SER C 249 15.01 25.62 -15.76
CA SER C 249 15.76 26.89 -15.57
C SER C 249 16.73 26.78 -14.40
N MET C 250 17.67 27.72 -14.37
CA MET C 250 18.57 27.94 -13.24
C MET C 250 18.21 29.24 -12.56
N MET C 251 17.96 29.13 -11.26
CA MET C 251 17.72 30.31 -10.40
C MET C 251 18.94 30.65 -9.52
N LEU C 252 19.33 31.89 -9.65
CA LEU C 252 20.44 32.46 -8.89
C LEU C 252 19.92 33.47 -7.91
N VAL C 253 20.51 33.41 -6.71
CA VAL C 253 20.17 34.33 -5.59
C VAL C 253 21.48 34.94 -5.07
N LEU C 254 21.48 36.26 -5.07
CA LEU C 254 22.70 37.05 -4.83
C LEU C 254 22.49 38.24 -3.92
N SER C 255 23.15 38.18 -2.78
CA SER C 255 23.11 39.29 -1.82
C SER C 255 23.79 40.53 -2.38
N ARG C 256 23.54 41.68 -1.76
CA ARG C 256 24.34 42.86 -2.08
C ARG C 256 25.82 42.60 -1.72
N GLN C 257 26.69 43.28 -2.44
CA GLN C 257 28.14 43.03 -2.33
C GLN C 257 28.66 43.03 -0.92
N GLU C 258 28.03 43.86 -0.09
CA GLU C 258 28.55 44.17 1.24
C GLU C 258 28.15 43.13 2.29
N VAL C 259 27.41 42.12 1.81
CA VAL C 259 26.72 41.17 2.67
C VAL C 259 27.12 39.73 2.31
N PRO C 260 27.57 38.92 3.29
CA PRO C 260 27.88 37.53 2.95
C PRO C 260 26.62 36.72 2.65
N LEU C 261 26.80 35.66 1.89
CA LEU C 261 25.69 34.82 1.52
C LEU C 261 25.04 34.21 2.76
N ALA C 262 25.84 34.03 3.80
CA ALA C 262 25.41 33.34 5.04
C ALA C 262 24.29 34.16 5.70
N THR C 263 24.26 35.44 5.34
CA THR C 263 23.29 36.34 5.93
C THR C 263 21.91 36.07 5.40
N LEU C 264 21.88 35.56 4.17
CA LEU C 264 20.65 35.24 3.47
C LEU C 264 20.21 33.79 3.63
N GLU C 265 21.16 32.90 3.84
CA GLU C 265 20.84 31.45 3.86
C GLU C 265 19.72 31.07 4.83
N PRO C 266 19.66 31.72 6.01
CA PRO C 266 18.61 31.26 6.93
C PRO C 266 17.20 31.51 6.41
N LEU C 267 17.11 32.36 5.39
CA LEU C 267 15.83 32.75 4.78
C LEU C 267 15.27 31.67 3.87
N VAL C 268 16.16 30.77 3.47
CA VAL C 268 15.85 29.71 2.47
C VAL C 268 14.89 28.65 3.00
N LYS C 269 13.64 28.85 2.62
CA LYS C 269 12.52 28.03 3.10
C LYS C 269 11.57 27.78 1.94
N ALA C 270 10.73 26.75 2.03
CA ALA C 270 9.97 26.34 0.84
C ALA C 270 9.07 27.48 0.37
N GLN C 271 8.51 28.22 1.32
CA GLN C 271 7.55 29.28 1.03
C GLN C 271 8.23 30.35 0.17
N LEU C 272 9.49 30.61 0.50
CA LEU C 272 10.25 31.68 -0.19
C LEU C 272 10.63 31.26 -1.58
N VAL C 273 11.02 29.99 -1.73
CA VAL C 273 11.41 29.47 -3.05
C VAL C 273 10.24 29.60 -4.02
N GLU C 274 9.04 29.30 -3.53
CA GLU C 274 7.85 29.48 -4.34
CA GLU C 274 7.82 29.48 -4.34
C GLU C 274 7.64 30.95 -4.65
N GLU C 275 7.85 31.79 -3.65
CA GLU C 275 7.67 33.23 -3.83
C GLU C 275 8.64 33.75 -4.89
N TRP C 276 9.90 33.32 -4.79
CA TRP C 276 10.88 33.70 -5.81
C TRP C 276 10.40 33.42 -7.21
N ALA C 277 9.88 32.22 -7.40
CA ALA C 277 9.51 31.74 -8.72
C ALA C 277 8.32 32.53 -9.22
N ASN C 278 7.50 33.00 -8.30
CA ASN C 278 6.29 33.72 -8.66
C ASN C 278 6.47 35.22 -8.77
N SER C 279 7.66 35.68 -8.46
CA SER C 279 7.92 37.12 -8.28
C SER C 279 8.86 37.72 -9.31
N VAL C 280 9.48 36.87 -10.08
CA VAL C 280 10.39 37.32 -11.14
C VAL C 280 9.66 37.66 -12.42
N LYS C 281 10.16 38.73 -13.02
CA LYS C 281 9.58 39.36 -14.22
C LYS C 281 10.55 39.33 -15.39
N LYS C 282 10.07 38.84 -16.55
CA LYS C 282 10.90 38.80 -17.75
C LYS C 282 11.23 40.18 -18.28
N GLN C 283 12.52 40.38 -18.50
CA GLN C 283 13.05 41.70 -18.90
C GLN C 283 14.51 41.60 -19.30
N LYS C 284 15.02 42.65 -19.95
CA LYS C 284 16.47 42.73 -20.23
C LYS C 284 17.27 42.95 -18.92
N VAL C 285 18.29 42.11 -18.78
CA VAL C 285 19.22 42.19 -17.66
C VAL C 285 20.65 42.08 -18.17
N GLU C 286 21.53 42.85 -17.53
CA GLU C 286 22.98 42.74 -17.77
C GLU C 286 23.50 41.64 -16.84
N VAL C 287 23.96 40.53 -17.40
CA VAL C 287 24.34 39.40 -16.58
C VAL C 287 25.84 39.11 -16.69
N TYR C 288 26.49 39.13 -15.53
CA TYR C 288 27.89 38.66 -15.36
C TYR C 288 27.89 37.44 -14.48
N LEU C 289 28.30 36.32 -15.06
CA LEU C 289 28.22 35.01 -14.38
C LEU C 289 29.50 34.20 -14.61
N PRO C 290 30.14 33.73 -13.54
CA PRO C 290 31.33 32.93 -13.78
C PRO C 290 31.08 31.64 -14.52
N ARG C 291 32.10 31.26 -15.26
CA ARG C 291 32.19 29.92 -15.83
C ARG C 291 32.75 29.06 -14.67
N PHE C 292 32.01 28.03 -14.26
CA PHE C 292 32.41 27.28 -13.06
C PHE C 292 31.98 25.83 -13.05
N THR C 293 32.67 25.04 -12.24
CA THR C 293 32.19 23.70 -11.89
C THR C 293 32.10 23.58 -10.38
N VAL C 294 31.14 22.77 -9.91
CA VAL C 294 31.04 22.46 -8.49
C VAL C 294 30.80 20.99 -8.32
N GLU C 295 31.37 20.47 -7.26
CA GLU C 295 31.08 19.10 -6.89
C GLU C 295 30.99 18.92 -5.41
N GLN C 296 30.47 17.77 -5.03
CA GLN C 296 30.32 17.46 -3.61
C GLN C 296 29.99 16.01 -3.43
N GLU C 297 30.67 15.41 -2.46
CA GLU C 297 30.33 14.10 -1.92
C GLU C 297 29.79 14.31 -0.52
N ILE C 298 28.62 13.75 -0.30
CA ILE C 298 27.92 13.89 0.97
C ILE C 298 27.73 12.56 1.69
N ASP C 299 27.83 12.57 3.02
CA ASP C 299 27.40 11.36 3.77
C ASP C 299 25.92 11.50 3.93
N LEU C 300 25.24 10.73 3.08
CA LEU C 300 23.80 10.83 2.94
C LEU C 300 23.15 10.29 4.20
N LYS C 301 23.87 9.40 4.87
CA LYS C 301 23.35 8.82 6.11
C LYS C 301 23.19 9.94 7.15
N ASP C 302 24.18 10.82 7.23
CA ASP C 302 24.13 11.95 8.18
C ASP C 302 22.94 12.86 7.90
N VAL C 303 22.77 13.14 6.63
CA VAL C 303 21.71 14.06 6.23
C VAL C 303 20.35 13.43 6.52
N LEU C 304 20.23 12.14 6.22
CA LEU C 304 18.93 11.48 6.33
C LEU C 304 18.54 11.39 7.78
N LYS C 305 19.53 11.10 8.62
CA LYS C 305 19.29 11.02 10.06
C LYS C 305 18.82 12.38 10.62
N ALA C 306 19.37 13.44 10.05
CA ALA C 306 19.04 14.79 10.49
C ALA C 306 17.60 15.10 10.12
N LEU C 307 17.11 14.44 9.08
CA LEU C 307 15.71 14.58 8.63
C LEU C 307 14.82 13.71 9.46
N GLY C 308 15.44 12.89 10.29
CA GLY C 308 14.73 11.99 11.23
C GLY C 308 14.72 10.51 10.85
N ILE C 309 15.41 10.17 9.77
CA ILE C 309 15.46 8.79 9.27
C ILE C 309 16.63 8.06 9.91
N THR C 310 16.31 7.23 10.90
CA THR C 310 17.31 6.70 11.83
C THR C 310 17.28 5.15 11.89
N GLU C 311 16.07 4.60 11.91
CA GLU C 311 15.82 3.15 12.11
C GLU C 311 16.46 2.29 11.02
N ILE C 312 16.40 2.76 9.79
CA ILE C 312 16.90 1.96 8.63
C ILE C 312 18.39 1.66 8.75
N PHE C 313 19.06 2.42 9.62
CA PHE C 313 20.52 2.43 9.72
C PHE C 313 21.03 1.56 10.86
N ILE C 314 20.09 0.97 11.58
CA ILE C 314 20.48 0.05 12.66
C ILE C 314 19.87 -1.31 12.50
N LYS C 315 20.39 -2.24 13.28
CA LYS C 315 20.17 -3.67 13.05
C LYS C 315 18.71 -4.03 13.23
N ASP C 316 18.02 -3.18 13.97
CA ASP C 316 16.63 -3.42 14.36
C ASP C 316 15.68 -2.97 13.26
N ALA C 317 16.25 -2.58 12.12
CA ALA C 317 15.44 -2.04 11.04
C ALA C 317 14.39 -3.06 10.60
N ASN C 318 13.18 -2.59 10.36
CA ASN C 318 12.14 -3.41 9.76
C ASN C 318 12.11 -3.28 8.23
N LEU C 319 12.85 -4.16 7.57
CA LEU C 319 12.91 -4.19 6.10
C LEU C 319 12.25 -5.46 5.62
N THR C 320 11.21 -5.85 6.36
CA THR C 320 10.53 -7.13 6.08
C THR C 320 9.74 -7.00 4.77
N GLY C 321 9.81 -5.83 4.18
CA GLY C 321 9.08 -5.58 2.95
C GLY C 321 9.92 -6.04 1.78
N LEU C 322 11.22 -6.10 2.00
CA LEU C 322 12.11 -6.44 0.89
C LEU C 322 12.54 -7.91 0.97
N SER C 323 12.41 -8.47 2.16
CA SER C 323 12.62 -9.90 2.38
C SER C 323 12.21 -10.35 3.75
N ASP C 324 12.16 -11.67 3.87
CA ASP C 324 11.71 -12.31 5.11
C ASP C 324 12.91 -12.51 6.02
N ASN C 325 14.05 -12.01 5.56
CA ASN C 325 15.30 -12.02 6.34
C ASN C 325 15.37 -10.79 7.25
N LYS C 326 15.19 -11.02 8.54
CA LYS C 326 15.06 -9.93 9.53
C LYS C 326 16.43 -9.34 9.88
N GLU C 327 17.44 -9.77 9.16
CA GLU C 327 18.80 -9.50 9.57
C GLU C 327 19.31 -8.24 8.84
N ILE C 328 18.56 -7.81 7.84
CA ILE C 328 18.99 -6.72 6.88
C ILE C 328 18.77 -5.27 7.30
N PHE C 329 19.82 -4.48 7.17
CA PHE C 329 19.73 -3.02 7.36
C PHE C 329 20.66 -2.23 6.47
N LEU C 330 20.50 -0.92 6.57
CA LEU C 330 21.21 -0.01 5.73
C LEU C 330 22.50 0.39 6.40
N SER C 331 23.62 0.08 5.77
CA SER C 331 24.91 0.32 6.37
CA SER C 331 24.94 0.32 6.36
C SER C 331 25.50 1.67 5.96
N LYS C 332 25.29 2.02 4.71
CA LYS C 332 25.90 3.23 4.14
C LYS C 332 24.95 3.86 3.16
N ALA C 333 24.95 5.19 3.14
CA ALA C 333 24.27 5.96 2.13
C ALA C 333 25.19 7.07 1.62
N ILE C 334 25.27 7.15 0.30
CA ILE C 334 26.19 8.05 -0.40
C ILE C 334 25.42 8.94 -1.37
N HIS C 335 25.87 10.18 -1.49
CA HIS C 335 25.37 11.10 -2.52
C HIS C 335 26.58 11.85 -3.09
N LYS C 336 26.70 11.82 -4.40
CA LYS C 336 27.75 12.54 -5.12
C LYS C 336 27.18 13.25 -6.33
N SER C 337 27.68 14.46 -6.54
CA SER C 337 27.09 15.39 -7.51
C SER C 337 28.17 16.21 -8.17
N PHE C 338 27.83 16.62 -9.38
CA PHE C 338 28.70 17.45 -10.24
C PHE C 338 27.85 18.38 -11.10
N LEU C 339 28.34 19.62 -11.21
CA LEU C 339 27.71 20.66 -12.06
C LEU C 339 28.74 21.48 -12.79
N GLU C 340 28.52 21.63 -14.08
CA GLU C 340 29.32 22.52 -14.91
C GLU C 340 28.40 23.57 -15.54
N VAL C 341 28.79 24.82 -15.32
CA VAL C 341 28.16 25.98 -15.94
C VAL C 341 29.14 26.66 -16.86
N ASN C 342 28.76 26.80 -18.11
CA ASN C 342 29.59 27.48 -19.09
C ASN C 342 28.78 28.31 -20.10
N GLU C 343 29.45 28.81 -21.13
CA GLU C 343 28.79 29.79 -22.01
C GLU C 343 27.58 29.16 -22.71
N GLU C 344 27.69 27.88 -22.97
CA GLU C 344 26.67 27.19 -23.78
CA GLU C 344 26.67 27.15 -23.77
C GLU C 344 25.46 26.73 -22.95
N GLY C 345 25.70 26.43 -21.70
CA GLY C 345 24.65 25.89 -20.82
C GLY C 345 25.12 25.32 -19.52
N SER C 346 24.48 24.23 -19.13
CA SER C 346 24.86 23.52 -17.91
C SER C 346 24.73 22.03 -18.09
N GLU C 347 25.54 21.30 -17.34
CA GLU C 347 25.49 19.84 -17.26
C GLU C 347 25.67 19.43 -15.84
N ALA C 348 24.78 18.56 -15.38
CA ALA C 348 24.70 18.22 -13.96
C ALA C 348 24.36 16.75 -13.77
N ALA C 349 24.93 16.17 -12.72
CA ALA C 349 24.62 14.78 -12.37
C ALA C 349 24.66 14.61 -10.90
N ALA C 350 23.76 13.80 -10.42
CA ALA C 350 23.72 13.46 -9.00
C ALA C 350 23.35 12.01 -8.82
N VAL C 351 24.05 11.36 -7.90
CA VAL C 351 23.84 9.94 -7.67
C VAL C 351 23.68 9.66 -6.21
N SER C 352 22.68 8.84 -5.92
CA SER C 352 22.40 8.32 -4.58
C SER C 352 22.56 6.82 -4.53
N GLY C 353 23.32 6.35 -3.53
CA GLY C 353 23.61 4.92 -3.33
C GLY C 353 23.34 4.49 -1.90
N MET C 354 22.62 3.39 -1.78
CA MET C 354 22.39 2.77 -0.50
C MET C 354 22.82 1.31 -0.52
N ILE C 355 23.55 0.96 0.51
CA ILE C 355 24.15 -0.35 0.65
C ILE C 355 23.58 -1.02 1.89
N ALA C 356 22.93 -2.15 1.66
CA ALA C 356 22.27 -2.94 2.71
C ALA C 356 23.07 -4.18 3.08
N ILE C 357 23.23 -4.42 4.38
CA ILE C 357 23.98 -5.58 4.87
C ILE C 357 23.15 -6.39 5.86
N SER C 358 23.59 -7.62 6.05
CA SER C 358 23.15 -8.43 7.17
C SER C 358 24.05 -8.24 8.39
N ARG C 359 23.36 -8.20 9.51
CA ARG C 359 23.99 -8.31 10.81
C ARG C 359 24.65 -9.68 10.92
N ALA D 2 17.07 57.17 -20.07
CA ALA D 2 16.87 55.78 -20.56
C ALA D 2 16.58 54.87 -19.39
N VAL D 3 15.80 53.83 -19.68
CA VAL D 3 15.59 52.74 -18.73
C VAL D 3 16.98 52.20 -18.42
N LEU D 4 17.25 52.03 -17.13
CA LEU D 4 18.49 51.40 -16.68
C LEU D 4 18.26 49.94 -16.36
N TYR D 5 18.80 49.07 -17.21
CA TYR D 5 18.60 47.62 -17.00
C TYR D 5 19.29 47.22 -15.70
N PRO D 6 18.69 46.29 -14.97
CA PRO D 6 19.38 45.81 -13.80
C PRO D 6 20.66 45.08 -14.21
N GLN D 7 21.62 45.11 -13.30
CA GLN D 7 22.82 44.32 -13.47
C GLN D 7 22.93 43.31 -12.37
N VAL D 8 23.10 42.06 -12.80
CA VAL D 8 23.36 40.96 -11.87
C VAL D 8 24.82 40.55 -12.10
N ILE D 9 25.66 41.01 -11.18
CA ILE D 9 27.10 40.86 -11.29
C ILE D 9 27.55 39.87 -10.23
N VAL D 10 27.73 38.64 -10.69
CA VAL D 10 27.93 37.49 -9.79
C VAL D 10 29.44 37.39 -9.52
N ASP D 11 29.93 38.30 -8.67
CA ASP D 11 31.36 38.40 -8.34
C ASP D 11 31.66 38.24 -6.86
N HIS D 12 30.74 37.52 -6.24
CA HIS D 12 30.86 37.01 -4.90
C HIS D 12 29.91 35.82 -4.70
N PRO D 13 29.99 35.16 -3.53
CA PRO D 13 29.22 33.91 -3.36
C PRO D 13 27.72 34.02 -3.60
N PHE D 14 27.18 32.95 -4.10
CA PHE D 14 25.77 32.89 -4.53
C PHE D 14 25.16 31.51 -4.32
N PHE D 15 23.84 31.53 -4.17
CA PHE D 15 22.97 30.37 -4.07
C PHE D 15 22.33 30.10 -5.42
N PHE D 16 22.15 28.83 -5.71
CA PHE D 16 21.51 28.40 -6.97
C PHE D 16 20.61 27.18 -6.79
N LEU D 17 19.66 27.09 -7.71
CA LEU D 17 18.92 25.84 -7.91
C LEU D 17 18.58 25.67 -9.39
N ILE D 18 18.41 24.42 -9.77
CA ILE D 18 17.91 24.05 -11.10
C ILE D 18 16.57 23.41 -10.90
N ARG D 19 15.60 23.91 -11.63
CA ARG D 19 14.18 23.58 -11.37
C ARG D 19 13.43 23.38 -12.65
N ASN D 20 12.44 22.49 -12.57
CA ASN D 20 11.39 22.39 -13.57
C ASN D 20 10.40 23.58 -13.44
N ARG D 21 10.28 24.36 -14.50
CA ARG D 21 9.47 25.59 -14.42
C ARG D 21 7.99 25.25 -14.45
N ARG D 22 7.69 24.05 -14.91
CA ARG D 22 6.30 23.68 -15.15
C ARG D 22 5.70 22.99 -13.93
N THR D 23 6.52 22.18 -13.28
CA THR D 23 6.04 21.37 -12.18
C THR D 23 6.54 21.91 -10.87
N GLY D 24 7.62 22.67 -10.96
CA GLY D 24 8.27 23.30 -9.80
C GLY D 24 9.30 22.41 -9.12
N THR D 25 9.42 21.21 -9.62
CA THR D 25 10.35 20.23 -9.04
C THR D 25 11.79 20.76 -9.04
N ILE D 26 12.41 20.69 -7.88
CA ILE D 26 13.81 21.06 -7.76
C ILE D 26 14.69 19.86 -8.06
N LEU D 27 15.59 20.07 -9.03
CA LEU D 27 16.41 19.01 -9.55
C LEU D 27 17.75 19.00 -8.88
N PHE D 28 18.27 20.21 -8.70
CA PHE D 28 19.57 20.46 -8.07
C PHE D 28 19.51 21.77 -7.27
N MET D 29 20.28 21.76 -6.21
CA MET D 29 20.40 22.90 -5.26
C MET D 29 21.83 22.99 -4.71
N GLY D 30 22.25 24.21 -4.40
CA GLY D 30 23.61 24.44 -3.88
C GLY D 30 24.00 25.88 -3.80
N ARG D 31 25.29 26.06 -3.56
CA ARG D 31 25.89 27.37 -3.45
C ARG D 31 27.33 27.29 -3.92
N VAL D 32 27.79 28.43 -4.41
CA VAL D 32 29.16 28.56 -4.84
C VAL D 32 29.86 29.61 -3.96
N MET D 33 30.75 29.12 -3.13
CA MET D 33 31.64 29.94 -2.30
CA MET D 33 31.61 30.00 -2.31
C MET D 33 33.02 30.11 -2.92
N HIS D 34 33.38 29.12 -3.71
CA HIS D 34 34.72 29.01 -4.34
C HIS D 34 34.55 28.62 -5.80
N PRO D 35 34.58 29.59 -6.73
CA PRO D 35 34.25 29.31 -8.12
C PRO D 35 35.44 28.87 -8.95
N GLU D 36 36.61 29.04 -8.35
CA GLU D 36 37.88 28.87 -9.09
C GLU D 36 38.22 27.41 -9.26
N THR D 37 38.92 27.13 -10.36
CA THR D 37 39.26 25.76 -10.69
C THR D 37 40.16 25.20 -9.59
N MET D 38 39.74 24.07 -9.03
CA MET D 38 40.37 23.50 -7.82
C MET D 38 41.53 22.58 -8.17
#